data_4BQB
#
_entry.id   4BQB
#
_cell.length_a   58.897
_cell.length_b   97.394
_cell.length_c   91.341
_cell.angle_alpha   90.00
_cell.angle_beta   106.41
_cell.angle_gamma   90.00
#
_symmetry.space_group_name_H-M   'P 1 21 1'
#
loop_
_entity.id
_entity.type
_entity.pdbx_description
1 polymer NEOGENIN
2 non-polymer 2-acetamido-2-deoxy-beta-D-glucopyranose
#
_entity_poly.entity_id   1
_entity_poly.type   'polypeptide(L)'
_entity_poly.pdbx_seq_one_letter_code
;ETGTPMMPPVGVQASILSHDTIRITWADNSLPKHQKITDSRYYTVRWKTNIPANTKYKNANATTLSYLVTGLKPNTLYEF
SVMVTKGRRSSTWSMTAHGATFELVPTSPPKDVTVVSKEGKPRTIIVNWQPPSEANGKITGYIIYYSTDVNAEIHDWVIE
PVVGNRLTHQIQELTLDTPYYFKIQARNSKGMGPMSEAVQFRTPKADSSDKMPNDQALGSAGKGSRLPDLGSDYKPPMSG
SNSPHGSPTSPLDSNGTKHHHHHH
;
_entity_poly.pdbx_strand_id   A,B,C,D
#
loop_
_chem_comp.id
_chem_comp.type
_chem_comp.name
_chem_comp.formula
NAG D-saccharide, beta linking 2-acetamido-2-deoxy-beta-D-glucopyranose 'C8 H15 N O6'
#
# COMPACT_ATOMS: atom_id res chain seq x y z
N PRO A 5 38.47 -13.96 26.97
CA PRO A 5 37.67 -13.77 25.75
C PRO A 5 36.52 -14.76 25.62
N MET A 6 35.32 -14.23 25.33
CA MET A 6 34.13 -15.04 25.18
C MET A 6 34.14 -15.76 23.84
N MET A 7 33.52 -16.94 23.78
CA MET A 7 33.42 -17.74 22.57
C MET A 7 32.38 -17.10 21.64
N PRO A 8 32.75 -16.78 20.37
CA PRO A 8 31.77 -16.17 19.47
C PRO A 8 30.65 -17.14 19.09
N PRO A 9 29.44 -16.64 18.78
CA PRO A 9 28.35 -17.53 18.35
C PRO A 9 28.69 -18.38 17.12
N VAL A 10 27.98 -19.53 16.97
CA VAL A 10 28.18 -20.47 15.85
C VAL A 10 26.84 -20.77 15.17
N GLY A 11 26.87 -21.51 14.06
CA GLY A 11 25.69 -21.96 13.31
C GLY A 11 24.76 -20.85 12.91
N VAL A 12 25.34 -19.72 12.50
CA VAL A 12 24.59 -18.53 12.05
C VAL A 12 23.87 -18.81 10.73
N GLN A 13 22.56 -18.61 10.70
CA GLN A 13 21.76 -18.83 9.50
C GLN A 13 20.84 -17.68 9.22
N ALA A 14 20.49 -17.50 7.95
CA ALA A 14 19.58 -16.48 7.49
C ALA A 14 18.36 -17.19 6.90
N SER A 15 17.15 -16.75 7.29
CA SER A 15 15.89 -17.27 6.78
C SER A 15 15.18 -16.10 6.15
N ILE A 16 14.94 -16.16 4.84
CA ILE A 16 14.27 -15.08 4.10
C ILE A 16 12.76 -15.16 4.30
N LEU A 17 12.19 -14.06 4.76
CA LEU A 17 10.77 -13.97 5.05
C LEU A 17 9.99 -13.10 4.10
N SER A 18 10.56 -11.98 3.69
CA SER A 18 9.91 -11.06 2.76
C SER A 18 10.96 -10.31 1.94
N HIS A 19 10.52 -9.26 1.25
CA HIS A 19 11.39 -8.36 0.48
C HIS A 19 12.14 -7.41 1.45
N ASP A 20 11.76 -7.37 2.74
CA ASP A 20 12.37 -6.48 3.71
C ASP A 20 12.73 -7.16 5.03
N THR A 21 12.44 -8.47 5.13
CA THR A 21 12.70 -9.22 6.37
C THR A 21 13.49 -10.51 6.20
N ILE A 22 14.53 -10.68 7.04
CA ILE A 22 15.38 -11.85 7.16
C ILE A 22 15.51 -12.19 8.66
N ARG A 23 15.22 -13.45 9.04
CA ARG A 23 15.44 -13.93 10.39
C ARG A 23 16.85 -14.51 10.52
N ILE A 24 17.59 -14.02 11.51
CA ILE A 24 18.92 -14.54 11.82
C ILE A 24 18.87 -15.43 13.03
N THR A 25 19.46 -16.60 12.94
CA THR A 25 19.55 -17.55 14.06
C THR A 25 20.97 -17.96 14.26
N TRP A 26 21.31 -18.33 15.50
CA TRP A 26 22.64 -18.79 15.87
C TRP A 26 22.53 -19.63 17.11
N ALA A 27 23.69 -20.20 17.51
CA ALA A 27 23.92 -21.01 18.71
C ALA A 27 25.02 -20.34 19.51
N ASP A 28 24.96 -20.47 20.86
CA ASP A 28 25.96 -19.91 21.75
C ASP A 28 26.53 -21.08 22.51
N ASN A 29 27.83 -21.38 22.28
CA ASN A 29 28.47 -22.52 22.94
C ASN A 29 28.66 -22.38 24.44
N SER A 30 28.82 -21.12 24.93
CA SER A 30 28.96 -20.75 26.35
C SER A 30 27.65 -20.92 27.14
N LEU A 31 26.67 -21.60 26.55
CA LEU A 31 25.38 -21.93 27.16
C LEU A 31 25.30 -23.46 27.32
N PRO A 32 24.67 -24.00 28.41
CA PRO A 32 24.56 -25.47 28.53
C PRO A 32 23.48 -26.07 27.61
N THR A 38 19.94 -17.48 30.86
CA THR A 38 19.53 -17.32 32.27
C THR A 38 20.24 -16.11 32.93
N ASP A 39 21.37 -15.67 32.35
CA ASP A 39 22.17 -14.54 32.83
C ASP A 39 21.96 -13.20 32.08
N SER A 40 22.83 -12.21 32.37
CA SER A 40 22.81 -10.85 31.83
C SER A 40 23.40 -10.71 30.41
N ARG A 41 23.76 -11.82 29.74
CA ARG A 41 24.34 -11.74 28.39
C ARG A 41 23.33 -11.23 27.35
N TYR A 42 23.88 -10.58 26.30
CA TYR A 42 23.13 -10.08 25.17
C TYR A 42 23.95 -10.27 23.92
N TYR A 43 23.25 -10.47 22.79
CA TYR A 43 23.85 -10.64 21.49
C TYR A 43 23.68 -9.42 20.69
N THR A 44 24.65 -9.15 19.84
CA THR A 44 24.59 -8.02 18.93
C THR A 44 24.67 -8.56 17.53
N VAL A 45 23.63 -8.29 16.74
CA VAL A 45 23.55 -8.71 15.34
C VAL A 45 23.95 -7.53 14.50
N ARG A 46 24.80 -7.75 13.49
CA ARG A 46 25.19 -6.69 12.57
C ARG A 46 24.98 -7.13 11.14
N TRP A 47 24.62 -6.17 10.28
CA TRP A 47 24.38 -6.45 8.88
C TRP A 47 24.68 -5.23 8.04
N LYS A 48 25.04 -5.50 6.79
CA LYS A 48 25.38 -4.53 5.78
C LYS A 48 25.16 -5.17 4.43
N THR A 49 24.88 -4.38 3.41
CA THR A 49 24.72 -4.92 2.08
C THR A 49 26.09 -5.27 1.54
N ASN A 50 26.20 -6.42 0.87
CA ASN A 50 27.41 -6.95 0.25
C ASN A 50 28.08 -5.92 -0.70
N ILE A 51 27.26 -5.18 -1.50
CA ILE A 51 27.64 -4.16 -2.48
C ILE A 51 26.73 -2.90 -2.33
N PRO A 52 27.29 -1.66 -2.28
CA PRO A 52 28.73 -1.30 -2.32
C PRO A 52 29.53 -1.91 -1.17
N ALA A 53 30.83 -2.17 -1.40
CA ALA A 53 31.71 -2.78 -0.40
C ALA A 53 31.95 -1.87 0.82
N ASN A 54 31.80 -0.53 0.63
CA ASN A 54 31.99 0.53 1.62
C ASN A 54 30.84 0.77 2.61
N THR A 55 29.75 0.00 2.51
CA THR A 55 28.57 0.16 3.36
C THR A 55 28.87 0.02 4.86
N LYS A 56 28.38 0.98 5.66
CA LYS A 56 28.51 1.00 7.12
C LYS A 56 27.53 -0.03 7.72
N TYR A 57 27.95 -0.74 8.77
CA TYR A 57 27.11 -1.75 9.40
C TYR A 57 25.99 -1.10 10.20
N LYS A 58 24.82 -1.76 10.17
CA LYS A 58 23.67 -1.43 11.00
C LYS A 58 23.67 -2.55 12.02
N ASN A 59 23.29 -2.27 13.27
CA ASN A 59 23.26 -3.34 14.27
C ASN A 59 22.17 -3.26 15.33
N ALA A 60 21.87 -4.41 15.94
CA ALA A 60 20.80 -4.53 16.93
C ALA A 60 21.14 -5.50 18.03
N ASN A 61 20.60 -5.28 19.23
CA ASN A 61 20.79 -6.15 20.38
C ASN A 61 19.62 -7.13 20.51
N ALA A 62 19.94 -8.35 20.95
CA ALA A 62 18.96 -9.44 21.14
C ALA A 62 19.24 -10.18 22.41
N THR A 63 18.22 -10.68 23.06
CA THR A 63 18.39 -11.44 24.32
C THR A 63 18.02 -12.91 24.10
N THR A 64 17.76 -13.27 22.82
CA THR A 64 17.41 -14.63 22.42
C THR A 64 18.40 -15.09 21.34
N LEU A 65 18.37 -16.39 20.98
CA LEU A 65 19.24 -16.96 19.96
C LEU A 65 18.73 -16.77 18.52
N SER A 66 18.05 -15.63 18.27
CA SER A 66 17.51 -15.19 16.99
C SER A 66 17.19 -13.71 16.99
N TYR A 67 17.18 -13.11 15.81
CA TYR A 67 16.85 -11.71 15.59
C TYR A 67 16.18 -11.52 14.23
N LEU A 68 15.11 -10.70 14.24
CA LEU A 68 14.33 -10.40 13.06
C LEU A 68 14.82 -9.10 12.46
N VAL A 69 15.61 -9.21 11.38
CA VAL A 69 16.14 -8.01 10.72
C VAL A 69 15.06 -7.50 9.76
N THR A 70 14.54 -6.30 10.05
CA THR A 70 13.50 -5.65 9.27
C THR A 70 14.03 -4.40 8.56
N GLY A 71 13.17 -3.79 7.75
CA GLY A 71 13.46 -2.58 6.99
C GLY A 71 14.53 -2.71 5.93
N LEU A 72 14.80 -3.96 5.48
CA LEU A 72 15.82 -4.23 4.46
C LEU A 72 15.31 -3.83 3.06
N LYS A 73 16.21 -3.65 2.08
CA LYS A 73 15.80 -3.27 0.73
C LYS A 73 15.43 -4.54 -0.04
N PRO A 74 14.41 -4.51 -0.93
CA PRO A 74 14.10 -5.73 -1.73
C PRO A 74 15.22 -6.13 -2.69
N ASN A 75 15.29 -7.43 -3.02
CA ASN A 75 16.27 -7.96 -3.98
C ASN A 75 17.70 -7.49 -3.68
N THR A 76 18.11 -7.61 -2.39
CA THR A 76 19.42 -7.17 -1.92
C THR A 76 20.05 -8.23 -1.08
N LEU A 77 21.33 -8.50 -1.35
CA LEU A 77 22.16 -9.45 -0.61
C LEU A 77 22.79 -8.71 0.59
N TYR A 78 22.62 -9.27 1.78
CA TYR A 78 23.12 -8.78 3.05
C TYR A 78 24.06 -9.84 3.69
N GLU A 79 25.02 -9.36 4.49
CA GLU A 79 25.96 -10.16 5.29
C GLU A 79 25.52 -9.96 6.73
N PHE A 80 25.55 -11.02 7.52
CA PHE A 80 25.15 -10.95 8.94
C PHE A 80 26.18 -11.65 9.78
N SER A 81 26.46 -11.09 10.94
CA SER A 81 27.37 -11.68 11.94
C SER A 81 26.88 -11.26 13.33
N VAL A 82 27.17 -12.11 14.31
CA VAL A 82 26.71 -11.95 15.68
C VAL A 82 27.92 -12.05 16.59
N MET A 83 27.81 -11.40 17.76
CA MET A 83 28.76 -11.47 18.85
C MET A 83 27.95 -11.57 20.14
N VAL A 84 28.62 -11.91 21.24
CA VAL A 84 28.03 -11.99 22.57
C VAL A 84 28.80 -11.09 23.55
N THR A 85 28.07 -10.47 24.48
CA THR A 85 28.59 -9.61 25.55
C THR A 85 27.89 -10.02 26.86
N LYS A 86 28.66 -10.15 27.94
CA LYS A 86 28.17 -10.44 29.29
C LYS A 86 29.03 -9.59 30.24
N GLY A 87 28.57 -8.37 30.46
CA GLY A 87 29.26 -7.38 31.27
C GLY A 87 30.51 -6.84 30.59
N ARG A 88 31.65 -6.91 31.31
CA ARG A 88 32.98 -6.45 30.87
C ARG A 88 33.53 -7.33 29.74
N ARG A 89 33.11 -8.61 29.71
CA ARG A 89 33.51 -9.61 28.70
C ARG A 89 32.68 -9.52 27.41
N SER A 90 33.32 -9.84 26.29
CA SER A 90 32.70 -9.87 24.98
C SER A 90 33.49 -10.81 24.05
N SER A 91 32.85 -11.25 22.95
CA SER A 91 33.44 -12.14 21.95
C SER A 91 33.72 -11.36 20.67
N THR A 92 34.35 -12.03 19.69
CA THR A 92 34.55 -11.43 18.37
C THR A 92 33.28 -11.71 17.57
N TRP A 93 33.27 -11.28 16.31
CA TRP A 93 32.12 -11.52 15.44
C TRP A 93 32.17 -12.95 14.94
N SER A 94 31.00 -13.58 14.88
CA SER A 94 30.82 -14.95 14.42
C SER A 94 31.15 -15.06 12.92
N MET A 95 30.96 -16.26 12.39
CA MET A 95 31.06 -16.56 10.97
C MET A 95 30.00 -15.68 10.31
N THR A 96 30.18 -15.36 9.05
CA THR A 96 29.18 -14.55 8.37
C THR A 96 28.16 -15.39 7.67
N ALA A 97 26.88 -15.02 7.88
CA ALA A 97 25.74 -15.64 7.21
C ALA A 97 25.32 -14.65 6.14
N HIS A 98 24.81 -15.16 5.00
CA HIS A 98 24.38 -14.29 3.92
C HIS A 98 22.92 -14.56 3.63
N GLY A 99 22.23 -13.50 3.22
CA GLY A 99 20.82 -13.56 2.89
C GLY A 99 20.39 -12.47 1.99
N ALA A 100 19.69 -12.82 0.91
CA ALA A 100 19.17 -11.87 -0.07
C ALA A 100 17.66 -11.84 0.06
N THR A 101 17.12 -10.61 0.24
CA THR A 101 15.68 -10.37 0.38
C THR A 101 14.99 -10.70 -0.94
N PHE A 102 13.68 -11.03 -0.84
CA PHE A 102 12.88 -11.33 -2.00
C PHE A 102 12.71 -10.08 -2.86
N GLU A 103 12.26 -10.29 -4.12
CA GLU A 103 11.94 -9.21 -5.02
C GLU A 103 10.63 -8.59 -4.54
N LEU A 104 10.30 -7.43 -5.10
CA LEU A 104 9.06 -6.71 -4.82
C LEU A 104 8.73 -6.02 -6.14
N VAL A 105 7.46 -5.69 -6.37
CA VAL A 105 7.01 -4.96 -7.57
C VAL A 105 7.84 -3.69 -7.69
N PRO A 106 8.09 -3.19 -8.90
CA PRO A 106 8.81 -1.90 -9.00
C PRO A 106 8.07 -0.84 -8.19
N THR A 107 8.78 0.03 -7.48
CA THR A 107 8.10 1.06 -6.68
C THR A 107 8.38 2.46 -7.22
N SER A 108 8.96 2.52 -8.43
CA SER A 108 9.34 3.75 -9.10
C SER A 108 9.07 3.58 -10.61
N PRO A 109 8.81 4.67 -11.35
CA PRO A 109 8.50 4.51 -12.78
C PRO A 109 9.76 4.45 -13.63
N PRO A 110 9.65 3.98 -14.92
CA PRO A 110 10.82 4.04 -15.78
C PRO A 110 11.23 5.48 -15.90
N LYS A 111 12.54 5.75 -15.72
CA LYS A 111 13.16 7.07 -15.75
C LYS A 111 13.41 7.55 -17.20
N ASP A 112 13.66 8.88 -17.33
CA ASP A 112 14.08 9.60 -18.52
C ASP A 112 13.34 9.24 -19.82
N VAL A 113 12.00 9.13 -19.75
CA VAL A 113 11.15 8.84 -20.90
C VAL A 113 11.21 10.00 -21.90
N THR A 114 11.49 9.67 -23.18
CA THR A 114 11.58 10.60 -24.32
C THR A 114 10.93 9.99 -25.55
N VAL A 115 10.37 10.84 -26.41
CA VAL A 115 9.73 10.45 -27.67
C VAL A 115 10.33 11.30 -28.82
N VAL A 116 10.77 10.63 -29.89
CA VAL A 116 11.30 11.27 -31.08
C VAL A 116 10.61 10.68 -32.29
N SER A 117 10.61 11.41 -33.41
CA SER A 117 10.07 10.89 -34.65
C SER A 117 11.18 10.11 -35.31
N LYS A 118 10.85 8.92 -35.85
CA LYS A 118 11.81 8.08 -36.57
C LYS A 118 12.28 8.79 -37.86
N GLU A 119 13.59 8.72 -38.12
CA GLU A 119 14.24 9.33 -39.29
C GLU A 119 13.55 8.91 -40.62
N GLY A 120 13.00 9.91 -41.33
CA GLY A 120 12.29 9.73 -42.59
C GLY A 120 10.95 9.02 -42.53
N LYS A 121 10.40 8.78 -41.31
CA LYS A 121 9.12 8.09 -41.10
C LYS A 121 8.25 8.93 -40.14
N PRO A 122 7.44 9.87 -40.67
CA PRO A 122 6.63 10.75 -39.78
C PRO A 122 5.55 10.06 -38.95
N ARG A 123 4.93 8.99 -39.50
CA ARG A 123 3.87 8.22 -38.84
C ARG A 123 4.43 7.24 -37.77
N THR A 124 5.77 7.18 -37.67
CA THR A 124 6.52 6.34 -36.73
C THR A 124 7.23 7.21 -35.69
N ILE A 125 7.13 6.78 -34.42
CA ILE A 125 7.79 7.40 -33.27
C ILE A 125 8.64 6.38 -32.52
N ILE A 126 9.67 6.86 -31.82
CA ILE A 126 10.55 6.03 -31.00
C ILE A 126 10.50 6.47 -29.53
N VAL A 127 10.12 5.55 -28.65
CA VAL A 127 10.09 5.77 -27.20
C VAL A 127 11.41 5.29 -26.63
N ASN A 128 12.03 6.10 -25.78
CA ASN A 128 13.29 5.79 -25.12
C ASN A 128 13.17 6.10 -23.65
N TRP A 129 13.66 5.21 -22.81
CA TRP A 129 13.58 5.36 -21.37
C TRP A 129 14.75 4.63 -20.69
N GLN A 130 14.80 4.72 -19.37
CA GLN A 130 15.79 4.08 -18.52
C GLN A 130 15.11 3.21 -17.50
N PRO A 131 15.75 2.14 -16.98
CA PRO A 131 15.06 1.31 -15.97
C PRO A 131 14.67 2.10 -14.73
N PRO A 132 13.62 1.70 -13.99
CA PRO A 132 13.29 2.42 -12.77
C PRO A 132 14.41 2.41 -11.74
N SER A 133 14.49 3.44 -10.89
CA SER A 133 15.45 3.50 -9.78
C SER A 133 15.12 2.39 -8.74
N GLU A 134 13.82 2.16 -8.46
CA GLU A 134 13.38 1.14 -7.52
C GLU A 134 12.71 -0.01 -8.29
N ALA A 135 13.52 -0.74 -9.09
CA ALA A 135 13.09 -1.90 -9.88
C ALA A 135 12.70 -3.06 -8.96
N ASN A 136 13.39 -3.15 -7.81
CA ASN A 136 13.16 -4.11 -6.72
C ASN A 136 13.24 -5.57 -7.15
N GLY A 137 13.83 -5.82 -8.30
CA GLY A 137 13.99 -7.14 -8.89
C GLY A 137 14.37 -7.04 -10.36
N LYS A 138 14.49 -8.18 -11.04
CA LYS A 138 14.88 -8.23 -12.46
C LYS A 138 13.70 -7.85 -13.29
N ILE A 139 13.86 -6.80 -14.09
CA ILE A 139 12.80 -6.28 -14.97
C ILE A 139 12.52 -7.29 -16.07
N THR A 140 11.25 -7.73 -16.15
CA THR A 140 10.77 -8.71 -17.12
C THR A 140 10.07 -8.08 -18.34
N GLY A 141 9.92 -6.78 -18.32
CA GLY A 141 9.31 -6.10 -19.44
C GLY A 141 8.79 -4.74 -19.06
N TYR A 142 8.21 -4.07 -20.03
CA TYR A 142 7.60 -2.77 -19.84
C TYR A 142 6.29 -2.76 -20.57
N ILE A 143 5.45 -1.77 -20.24
CA ILE A 143 4.20 -1.56 -20.94
C ILE A 143 4.09 -0.07 -21.24
N ILE A 144 4.01 0.25 -22.53
CA ILE A 144 3.79 1.59 -23.04
C ILE A 144 2.27 1.77 -23.25
N TYR A 145 1.78 2.97 -22.91
CA TYR A 145 0.42 3.36 -23.14
C TYR A 145 0.44 4.69 -23.88
N TYR A 146 -0.39 4.86 -24.92
CA TYR A 146 -0.50 6.13 -25.62
C TYR A 146 -1.92 6.52 -25.95
N SER A 147 -2.20 7.82 -25.99
CA SER A 147 -3.52 8.33 -26.28
C SER A 147 -3.46 9.73 -26.91
N THR A 148 -4.51 10.10 -27.64
CA THR A 148 -4.66 11.43 -28.21
C THR A 148 -5.24 12.34 -27.12
N ASP A 149 -5.90 11.72 -26.11
CA ASP A 149 -6.49 12.41 -24.97
C ASP A 149 -5.76 11.99 -23.69
N VAL A 150 -5.10 12.96 -23.06
CA VAL A 150 -4.34 12.81 -21.83
C VAL A 150 -5.23 12.42 -20.64
N ASN A 151 -6.48 12.87 -20.66
CA ASN A 151 -7.41 12.65 -19.57
C ASN A 151 -8.22 11.35 -19.68
N ALA A 152 -8.03 10.57 -20.77
CA ALA A 152 -8.75 9.31 -20.99
C ALA A 152 -8.42 8.25 -19.93
N GLU A 153 -9.42 7.41 -19.59
CA GLU A 153 -9.24 6.30 -18.64
C GLU A 153 -8.26 5.30 -19.24
N ILE A 154 -7.47 4.63 -18.39
CA ILE A 154 -6.44 3.72 -18.82
C ILE A 154 -6.84 2.63 -19.84
N HIS A 155 -8.07 2.08 -19.75
CA HIS A 155 -8.55 1.10 -20.73
C HIS A 155 -8.68 1.69 -22.11
N ASP A 156 -8.94 3.00 -22.21
CA ASP A 156 -9.09 3.73 -23.48
C ASP A 156 -7.77 4.03 -24.16
N TRP A 157 -6.64 3.95 -23.40
CA TRP A 157 -5.28 4.15 -23.91
C TRP A 157 -4.89 2.94 -24.74
N VAL A 158 -3.99 3.12 -25.69
CA VAL A 158 -3.53 2.03 -26.55
C VAL A 158 -2.38 1.37 -25.83
N ILE A 159 -2.42 0.02 -25.67
CA ILE A 159 -1.36 -0.75 -24.98
C ILE A 159 -0.31 -1.25 -25.98
N GLU A 160 0.98 -0.97 -25.66
CA GLU A 160 2.12 -1.41 -26.46
C GLU A 160 3.16 -2.09 -25.55
N PRO A 161 3.15 -3.43 -25.46
CA PRO A 161 4.07 -4.10 -24.56
C PRO A 161 5.47 -4.22 -25.12
N VAL A 162 6.45 -4.09 -24.23
CA VAL A 162 7.88 -4.23 -24.51
C VAL A 162 8.39 -5.45 -23.72
N VAL A 163 8.84 -6.47 -24.44
CA VAL A 163 9.31 -7.72 -23.82
C VAL A 163 10.77 -7.71 -23.47
N GLY A 164 11.05 -8.02 -22.21
CA GLY A 164 12.38 -8.03 -21.63
C GLY A 164 12.84 -6.64 -21.25
N ASN A 165 14.04 -6.52 -20.68
CA ASN A 165 14.58 -5.22 -20.33
C ASN A 165 15.18 -4.47 -21.58
N ARG A 166 14.32 -4.13 -22.57
CA ARG A 166 14.66 -3.35 -23.74
C ARG A 166 14.37 -1.91 -23.31
N LEU A 167 15.18 -0.94 -23.75
CA LEU A 167 15.00 0.45 -23.35
C LEU A 167 14.51 1.34 -24.46
N THR A 168 14.09 0.71 -25.56
CA THR A 168 13.52 1.37 -26.72
C THR A 168 12.34 0.58 -27.30
N HIS A 169 11.40 1.29 -27.94
CA HIS A 169 10.25 0.69 -28.63
C HIS A 169 9.73 1.63 -29.65
N GLN A 170 9.56 1.11 -30.86
CA GLN A 170 9.06 1.83 -32.00
C GLN A 170 7.53 1.62 -32.14
N ILE A 171 6.77 2.71 -32.33
CA ILE A 171 5.33 2.67 -32.54
C ILE A 171 5.05 3.24 -33.93
N GLN A 172 4.44 2.43 -34.81
CA GLN A 172 4.14 2.82 -36.20
C GLN A 172 2.65 3.15 -36.39
N GLU A 173 2.33 3.69 -37.58
CA GLU A 173 0.99 4.05 -38.04
C GLU A 173 0.20 5.08 -37.21
N LEU A 174 0.92 6.11 -36.71
CA LEU A 174 0.33 7.19 -35.93
C LEU A 174 -0.18 8.30 -36.83
N THR A 175 -1.32 8.92 -36.46
CA THR A 175 -1.95 10.02 -37.19
C THR A 175 -0.99 11.23 -37.19
N LEU A 176 -0.84 11.87 -38.36
CA LEU A 176 0.04 13.03 -38.52
C LEU A 176 -0.54 14.27 -37.90
N ASP A 177 0.33 15.25 -37.54
CA ASP A 177 -0.05 16.53 -36.91
C ASP A 177 -0.98 16.35 -35.70
N THR A 178 -0.73 15.29 -34.95
CA THR A 178 -1.54 14.94 -33.80
C THR A 178 -0.70 14.93 -32.55
N PRO A 179 -1.13 15.65 -31.48
CA PRO A 179 -0.42 15.56 -30.20
C PRO A 179 -0.76 14.22 -29.56
N TYR A 180 0.26 13.44 -29.22
CA TYR A 180 0.14 12.17 -28.54
C TYR A 180 0.71 12.25 -27.14
N TYR A 181 0.28 11.33 -26.27
CA TYR A 181 0.69 11.26 -24.88
C TYR A 181 1.16 9.85 -24.62
N PHE A 182 2.32 9.70 -23.95
CA PHE A 182 2.94 8.40 -23.68
C PHE A 182 3.30 8.26 -22.26
N LYS A 183 3.07 7.07 -21.72
CA LYS A 183 3.49 6.71 -20.38
C LYS A 183 3.89 5.23 -20.32
N ILE A 184 4.84 4.92 -19.44
CA ILE A 184 5.37 3.56 -19.34
C ILE A 184 5.36 3.11 -17.90
N GLN A 185 5.21 1.78 -17.70
CA GLN A 185 5.37 1.13 -16.41
C GLN A 185 6.29 -0.06 -16.58
N ALA A 186 7.06 -0.37 -15.52
CA ALA A 186 7.97 -1.50 -15.52
C ALA A 186 7.22 -2.71 -15.01
N ARG A 187 7.69 -3.88 -15.36
CA ARG A 187 7.15 -5.13 -14.89
C ARG A 187 8.30 -5.99 -14.35
N ASN A 188 8.05 -6.70 -13.24
CA ASN A 188 9.00 -7.70 -12.74
C ASN A 188 8.25 -9.00 -12.41
N SER A 189 8.96 -10.02 -11.90
CA SER A 189 8.38 -11.33 -11.54
C SER A 189 7.22 -11.18 -10.57
N LYS A 190 7.08 -10.02 -9.90
CA LYS A 190 6.04 -9.77 -8.90
C LYS A 190 4.83 -8.95 -9.40
N GLY A 191 4.99 -8.24 -10.51
CA GLY A 191 3.90 -7.44 -11.05
C GLY A 191 4.28 -6.11 -11.63
N MET A 192 3.26 -5.23 -11.80
CA MET A 192 3.40 -3.90 -12.43
C MET A 192 3.83 -2.87 -11.41
N GLY A 193 4.71 -1.98 -11.84
CA GLY A 193 5.16 -0.88 -11.00
C GLY A 193 4.37 0.37 -11.32
N PRO A 194 4.73 1.54 -10.74
CA PRO A 194 4.00 2.76 -11.11
C PRO A 194 4.33 3.23 -12.53
N MET A 195 3.50 4.16 -13.06
CA MET A 195 3.65 4.75 -14.40
C MET A 195 4.42 6.01 -14.35
N SER A 196 5.04 6.32 -15.49
CA SER A 196 5.79 7.55 -15.68
C SER A 196 4.75 8.68 -15.86
N GLU A 197 5.20 9.94 -15.73
CA GLU A 197 4.32 11.07 -16.05
C GLU A 197 4.24 11.06 -17.58
N ALA A 198 3.04 11.31 -18.12
CA ALA A 198 2.81 11.33 -19.55
C ALA A 198 3.73 12.33 -20.22
N VAL A 199 4.36 11.89 -21.30
CA VAL A 199 5.24 12.69 -22.13
C VAL A 199 4.39 13.06 -23.36
N GLN A 200 4.35 14.36 -23.70
CA GLN A 200 3.62 14.78 -24.89
C GLN A 200 4.55 14.87 -26.11
N PHE A 201 4.05 14.38 -27.25
CA PHE A 201 4.75 14.44 -28.53
C PHE A 201 3.75 14.66 -29.65
N ARG A 202 4.00 15.69 -30.46
CA ARG A 202 3.16 15.96 -31.60
C ARG A 202 3.85 15.47 -32.87
N THR A 203 3.23 14.50 -33.55
CA THR A 203 3.74 13.93 -34.79
C THR A 203 3.85 15.04 -35.87
N PRO A 204 4.89 15.00 -36.74
CA PRO A 204 5.01 16.02 -37.81
C PRO A 204 3.82 16.06 -38.78
N PRO B 5 -45.50 7.34 -20.57
CA PRO B 5 -44.23 7.77 -19.95
C PRO B 5 -44.15 7.40 -18.46
N MET B 6 -43.03 6.78 -18.07
CA MET B 6 -42.81 6.38 -16.69
C MET B 6 -42.43 7.59 -15.87
N MET B 7 -42.78 7.57 -14.60
CA MET B 7 -42.44 8.63 -13.66
C MET B 7 -40.94 8.53 -13.27
N PRO B 8 -40.16 9.62 -13.42
CA PRO B 8 -38.74 9.54 -13.07
C PRO B 8 -38.48 9.36 -11.57
N PRO B 9 -37.38 8.71 -11.16
CA PRO B 9 -37.09 8.58 -9.72
C PRO B 9 -37.01 9.91 -8.96
N VAL B 10 -37.24 9.85 -7.64
CA VAL B 10 -37.23 11.02 -6.73
C VAL B 10 -36.33 10.75 -5.52
N GLY B 11 -36.16 11.74 -4.65
CA GLY B 11 -35.37 11.65 -3.43
C GLY B 11 -33.97 11.14 -3.62
N VAL B 12 -33.32 11.58 -4.73
CA VAL B 12 -31.97 11.18 -5.08
C VAL B 12 -30.96 11.79 -4.11
N GLN B 13 -30.11 10.98 -3.52
CA GLN B 13 -29.08 11.48 -2.60
C GLN B 13 -27.75 10.84 -2.89
N ALA B 14 -26.66 11.57 -2.56
CA ALA B 14 -25.29 11.08 -2.68
C ALA B 14 -24.68 10.96 -1.28
N SER B 15 -24.05 9.80 -1.00
CA SER B 15 -23.37 9.55 0.26
C SER B 15 -21.92 9.26 -0.07
N ILE B 16 -20.99 10.11 0.39
CA ILE B 16 -19.57 9.98 0.14
C ILE B 16 -18.96 8.92 1.04
N LEU B 17 -18.30 7.94 0.40
CA LEU B 17 -17.69 6.81 1.09
C LEU B 17 -16.18 6.81 1.07
N SER B 18 -15.57 7.20 -0.03
CA SER B 18 -14.13 7.25 -0.14
C SER B 18 -13.70 8.32 -1.12
N HIS B 19 -12.43 8.27 -1.55
CA HIS B 19 -11.88 9.15 -2.57
C HIS B 19 -12.35 8.71 -3.98
N ASP B 20 -12.95 7.52 -4.09
CA ASP B 20 -13.38 6.98 -5.37
C ASP B 20 -14.76 6.40 -5.36
N THR B 21 -15.44 6.45 -4.19
CA THR B 21 -16.79 5.89 -4.04
C THR B 21 -17.83 6.82 -3.45
N ILE B 22 -18.98 6.91 -4.13
CA ILE B 22 -20.18 7.63 -3.74
C ILE B 22 -21.38 6.70 -3.91
N ARG B 23 -22.21 6.53 -2.84
CA ARG B 23 -23.45 5.77 -2.90
C ARG B 23 -24.61 6.64 -3.32
N ILE B 24 -25.31 6.23 -4.36
CA ILE B 24 -26.50 6.95 -4.83
C ILE B 24 -27.75 6.20 -4.40
N THR B 25 -28.72 6.92 -3.83
CA THR B 25 -29.97 6.32 -3.41
C THR B 25 -31.09 7.15 -3.95
N TRP B 26 -32.25 6.50 -4.19
CA TRP B 26 -33.42 7.15 -4.71
C TRP B 26 -34.66 6.37 -4.31
N ALA B 27 -35.82 6.90 -4.70
CA ALA B 27 -37.16 6.33 -4.53
C ALA B 27 -37.78 6.27 -5.92
N ASP B 28 -38.66 5.28 -6.14
CA ASP B 28 -39.36 5.14 -7.40
C ASP B 28 -40.85 5.29 -7.10
N ASN B 29 -41.49 6.32 -7.65
CA ASN B 29 -42.92 6.54 -7.40
C ASN B 29 -43.87 5.44 -7.92
N SER B 30 -43.50 4.83 -9.07
CA SER B 30 -44.25 3.73 -9.70
C SER B 30 -44.15 2.40 -8.93
N LYS B 36 -40.90 -1.54 -3.33
CA LYS B 36 -40.42 -2.92 -3.53
C LYS B 36 -40.53 -3.41 -4.99
N ILE B 37 -39.36 -3.70 -5.64
CA ILE B 37 -39.27 -4.20 -7.02
C ILE B 37 -39.61 -5.69 -7.06
N THR B 38 -40.64 -6.01 -7.82
CA THR B 38 -41.11 -7.38 -8.03
C THR B 38 -41.05 -7.71 -9.52
N ASP B 39 -40.96 -6.67 -10.40
CA ASP B 39 -40.93 -6.81 -11.86
C ASP B 39 -39.55 -6.69 -12.54
N SER B 40 -39.56 -6.64 -13.89
CA SER B 40 -38.40 -6.56 -14.79
C SER B 40 -37.77 -5.16 -14.92
N ARG B 41 -38.24 -4.17 -14.13
CA ARG B 41 -37.66 -2.83 -14.21
C ARG B 41 -36.21 -2.77 -13.75
N TYR B 42 -35.47 -1.82 -14.34
CA TYR B 42 -34.09 -1.53 -14.00
C TYR B 42 -33.87 -0.04 -14.04
N TYR B 43 -32.95 0.42 -13.20
CA TYR B 43 -32.59 1.82 -13.09
C TYR B 43 -31.27 2.04 -13.73
N THR B 44 -31.10 3.21 -14.32
CA THR B 44 -29.85 3.60 -14.91
C THR B 44 -29.35 4.84 -14.18
N VAL B 45 -28.15 4.73 -13.59
CA VAL B 45 -27.53 5.84 -12.87
C VAL B 45 -26.50 6.46 -13.82
N ARG B 46 -26.47 7.80 -13.90
CA ARG B 46 -25.47 8.48 -14.71
C ARG B 46 -24.76 9.53 -13.90
N TRP B 47 -23.48 9.74 -14.19
CA TRP B 47 -22.64 10.71 -13.52
C TRP B 47 -21.59 11.26 -14.44
N LYS B 48 -21.19 12.48 -14.13
CA LYS B 48 -20.17 13.23 -14.83
C LYS B 48 -19.60 14.24 -13.86
N THR B 49 -18.33 14.62 -14.05
CA THR B 49 -17.74 15.62 -13.20
C THR B 49 -18.31 16.96 -13.62
N ASN B 50 -18.59 17.81 -12.64
CA ASN B 50 -19.13 19.17 -12.79
C ASN B 50 -18.27 20.02 -13.78
N ILE B 51 -16.92 19.90 -13.67
CA ILE B 51 -15.87 20.61 -14.42
C ILE B 51 -14.76 19.61 -14.86
N PRO B 52 -14.30 19.58 -16.14
CA PRO B 52 -14.76 20.41 -17.28
C PRO B 52 -16.25 20.26 -17.60
N ALA B 53 -16.88 21.32 -18.12
CA ALA B 53 -18.30 21.33 -18.47
C ALA B 53 -18.65 20.34 -19.62
N ASN B 54 -17.64 20.04 -20.48
CA ASN B 54 -17.71 19.16 -21.65
C ASN B 54 -17.62 17.65 -21.38
N THR B 55 -17.55 17.23 -20.09
CA THR B 55 -17.42 15.82 -19.72
C THR B 55 -18.60 14.97 -20.15
N LYS B 56 -18.31 13.84 -20.83
CA LYS B 56 -19.38 12.93 -21.24
C LYS B 56 -19.82 12.06 -20.05
N TYR B 57 -21.11 11.73 -20.00
CA TYR B 57 -21.64 10.94 -18.89
C TYR B 57 -21.17 9.49 -18.92
N LYS B 58 -20.90 8.94 -17.73
CA LYS B 58 -20.63 7.53 -17.53
C LYS B 58 -21.92 7.01 -16.90
N ASN B 59 -22.34 5.79 -17.20
CA ASN B 59 -23.55 5.25 -16.61
C ASN B 59 -23.56 3.76 -16.29
N ALA B 60 -24.47 3.36 -15.37
CA ALA B 60 -24.58 1.99 -14.87
C ALA B 60 -26.01 1.58 -14.60
N ASN B 61 -26.31 0.29 -14.73
CA ASN B 61 -27.63 -0.27 -14.45
C ASN B 61 -27.69 -0.85 -13.05
N ALA B 62 -28.85 -0.71 -12.40
CA ALA B 62 -29.11 -1.22 -11.04
C ALA B 62 -30.48 -1.81 -10.95
N THR B 63 -30.64 -2.83 -10.12
CA THR B 63 -31.92 -3.51 -9.97
C THR B 63 -32.51 -3.24 -8.57
N THR B 64 -31.83 -2.37 -7.82
CA THR B 64 -32.22 -1.97 -6.47
C THR B 64 -32.35 -0.44 -6.43
N LEU B 65 -32.90 0.11 -5.33
CA LEU B 65 -33.07 1.55 -5.13
C LEU B 65 -31.81 2.27 -4.62
N SER B 66 -30.64 1.78 -5.05
CA SER B 66 -29.32 2.32 -4.74
C SER B 66 -28.25 1.76 -5.70
N TYR B 67 -27.18 2.53 -5.87
CA TYR B 67 -26.04 2.17 -6.70
C TYR B 67 -24.76 2.75 -6.11
N LEU B 68 -23.72 1.92 -6.11
CA LEU B 68 -22.42 2.31 -5.59
C LEU B 68 -21.55 2.75 -6.75
N VAL B 69 -21.36 4.05 -6.89
CA VAL B 69 -20.54 4.56 -7.98
C VAL B 69 -19.09 4.49 -7.56
N THR B 70 -18.31 3.65 -8.27
CA THR B 70 -16.90 3.39 -8.01
C THR B 70 -16.01 3.96 -9.12
N GLY B 71 -14.69 3.86 -8.92
CA GLY B 71 -13.66 4.35 -9.83
C GLY B 71 -13.67 5.85 -10.08
N LEU B 72 -14.24 6.62 -9.15
CA LEU B 72 -14.28 8.08 -9.29
C LEU B 72 -12.89 8.70 -8.99
N LYS B 73 -12.65 9.95 -9.39
CA LYS B 73 -11.36 10.61 -9.13
C LYS B 73 -11.40 11.23 -7.73
N PRO B 74 -10.30 11.22 -6.98
CA PRO B 74 -10.32 11.87 -5.65
C PRO B 74 -10.51 13.39 -5.72
N ASN B 75 -11.07 13.97 -4.66
CA ASN B 75 -11.26 15.43 -4.55
C ASN B 75 -11.99 16.05 -5.78
N THR B 76 -13.07 15.38 -6.24
CA THR B 76 -13.79 15.76 -7.45
C THR B 76 -15.29 15.82 -7.19
N LEU B 77 -15.93 16.93 -7.63
CA LEU B 77 -17.39 17.13 -7.57
C LEU B 77 -18.04 16.45 -8.80
N TYR B 78 -19.07 15.61 -8.54
CA TYR B 78 -19.82 14.86 -9.53
C TYR B 78 -21.29 15.18 -9.41
N GLU B 79 -22.02 15.11 -10.54
CA GLU B 79 -23.49 15.28 -10.68
C GLU B 79 -24.02 13.86 -10.95
N PHE B 80 -25.14 13.51 -10.36
CA PHE B 80 -25.76 12.19 -10.54
C PHE B 80 -27.25 12.36 -10.79
N SER B 81 -27.79 11.51 -11.63
CA SER B 81 -29.21 11.43 -11.96
C SER B 81 -29.54 9.99 -12.34
N VAL B 82 -30.80 9.63 -12.11
CA VAL B 82 -31.31 8.28 -12.31
C VAL B 82 -32.52 8.35 -13.18
N MET B 83 -32.78 7.24 -13.90
CA MET B 83 -33.97 7.02 -14.71
C MET B 83 -34.41 5.57 -14.48
N VAL B 84 -35.63 5.23 -14.89
CA VAL B 84 -36.18 3.88 -14.79
C VAL B 84 -36.65 3.41 -16.18
N THR B 85 -36.48 2.11 -16.46
CA THR B 85 -36.89 1.43 -17.68
C THR B 85 -37.57 0.12 -17.27
N LYS B 86 -38.70 -0.20 -17.89
CA LYS B 86 -39.44 -1.47 -17.71
C LYS B 86 -39.95 -1.84 -19.11
N GLY B 87 -39.12 -2.57 -19.84
CA GLY B 87 -39.42 -2.98 -21.21
C GLY B 87 -39.35 -1.82 -22.18
N ARG B 88 -40.41 -1.66 -23.00
CA ARG B 88 -40.55 -0.60 -24.01
C ARG B 88 -40.65 0.80 -23.37
N ARG B 89 -41.18 0.86 -22.13
CA ARG B 89 -41.37 2.08 -21.34
C ARG B 89 -40.11 2.52 -20.63
N SER B 90 -39.95 3.83 -20.46
CA SER B 90 -38.84 4.45 -19.74
C SER B 90 -39.24 5.85 -19.27
N SER B 91 -38.50 6.39 -18.29
CA SER B 91 -38.72 7.72 -17.73
C SER B 91 -37.60 8.68 -18.18
N THR B 92 -37.72 9.97 -17.80
CA THR B 92 -36.63 10.92 -18.05
C THR B 92 -35.68 10.82 -16.86
N TRP B 93 -34.65 11.66 -16.85
CA TRP B 93 -33.70 11.66 -15.77
C TRP B 93 -34.27 12.43 -14.60
N SER B 94 -34.01 11.91 -13.40
CA SER B 94 -34.45 12.47 -12.14
C SER B 94 -33.79 13.84 -11.87
N MET B 95 -34.13 14.42 -10.73
CA MET B 95 -33.47 15.59 -10.15
C MET B 95 -31.98 15.20 -10.00
N THR B 96 -31.09 16.17 -10.01
CA THR B 96 -29.68 15.88 -9.89
C THR B 96 -29.21 15.95 -8.47
N ALA B 97 -28.46 14.94 -8.08
CA ALA B 97 -27.79 14.87 -6.79
C ALA B 97 -26.28 15.19 -7.04
N HIS B 98 -25.62 15.81 -6.08
CA HIS B 98 -24.22 16.21 -6.19
C HIS B 98 -23.45 15.63 -5.05
N GLY B 99 -22.21 15.24 -5.37
CA GLY B 99 -21.31 14.64 -4.42
C GLY B 99 -19.88 14.79 -4.84
N ALA B 100 -19.02 15.21 -3.89
CA ALA B 100 -17.60 15.37 -4.11
C ALA B 100 -16.86 14.29 -3.33
N THR B 101 -16.00 13.51 -4.04
CA THR B 101 -15.18 12.46 -3.43
C THR B 101 -14.15 13.06 -2.45
N PHE B 102 -13.72 12.26 -1.48
CA PHE B 102 -12.75 12.65 -0.50
C PHE B 102 -11.36 12.82 -1.15
N GLU B 103 -10.44 13.47 -0.41
CA GLU B 103 -9.08 13.62 -0.87
C GLU B 103 -8.37 12.24 -0.73
N LEU B 104 -7.17 12.14 -1.33
CA LEU B 104 -6.34 10.97 -1.29
C LEU B 104 -4.93 11.51 -1.30
N VAL B 105 -3.96 10.75 -0.76
CA VAL B 105 -2.53 11.14 -0.77
C VAL B 105 -2.11 11.48 -2.19
N PRO B 106 -1.17 12.42 -2.41
CA PRO B 106 -0.70 12.66 -3.76
C PRO B 106 -0.21 11.30 -4.36
N THR B 107 -0.51 11.05 -5.64
CA THR B 107 -0.09 9.77 -6.25
C THR B 107 0.91 9.99 -7.34
N SER B 108 1.49 11.19 -7.38
CA SER B 108 2.46 11.62 -8.38
C SER B 108 3.46 12.56 -7.67
N PRO B 109 4.72 12.62 -8.13
CA PRO B 109 5.68 13.50 -7.44
C PRO B 109 5.58 14.97 -7.86
N PRO B 110 6.17 15.92 -7.10
CA PRO B 110 6.23 17.30 -7.59
C PRO B 110 6.95 17.27 -8.92
N LYS B 111 6.40 17.95 -9.93
CA LYS B 111 6.93 18.05 -11.29
C LYS B 111 8.02 19.10 -11.42
N ASP B 112 8.76 19.04 -12.55
CA ASP B 112 9.78 19.97 -13.03
C ASP B 112 10.75 20.49 -11.97
N VAL B 113 11.30 19.56 -11.13
CA VAL B 113 12.29 19.90 -10.10
C VAL B 113 13.59 20.37 -10.76
N THR B 114 14.10 21.55 -10.34
CA THR B 114 15.35 22.15 -10.82
C THR B 114 16.12 22.75 -9.63
N VAL B 115 17.46 22.80 -9.76
CA VAL B 115 18.39 23.36 -8.78
C VAL B 115 19.33 24.34 -9.47
N VAL B 116 19.44 25.55 -8.91
CA VAL B 116 20.33 26.57 -9.40
C VAL B 116 21.12 27.12 -8.22
N SER B 117 22.27 27.70 -8.48
CA SER B 117 23.06 28.35 -7.45
C SER B 117 22.51 29.75 -7.31
N LYS B 118 22.38 30.23 -6.07
CA LYS B 118 21.90 31.58 -5.78
C LYS B 118 22.97 32.59 -6.28
N GLU B 119 22.53 33.68 -6.93
CA GLU B 119 23.38 34.73 -7.48
C GLU B 119 24.31 35.30 -6.41
N GLY B 120 25.61 35.16 -6.66
CA GLY B 120 26.68 35.63 -5.77
C GLY B 120 26.83 34.90 -4.45
N LYS B 121 26.14 33.76 -4.28
CA LYS B 121 26.20 32.94 -3.05
C LYS B 121 26.46 31.47 -3.44
N PRO B 122 27.75 31.06 -3.57
CA PRO B 122 28.05 29.68 -4.02
C PRO B 122 27.62 28.55 -3.09
N ARG B 123 27.66 28.80 -1.76
CA ARG B 123 27.26 27.84 -0.71
C ARG B 123 25.72 27.70 -0.57
N THR B 124 24.98 28.55 -1.32
CA THR B 124 23.52 28.62 -1.35
C THR B 124 23.01 28.15 -2.69
N ILE B 125 21.95 27.29 -2.64
CA ILE B 125 21.22 26.78 -3.80
C ILE B 125 19.73 27.11 -3.70
N ILE B 126 19.05 27.18 -4.84
CA ILE B 126 17.59 27.37 -4.91
C ILE B 126 16.91 26.17 -5.60
N VAL B 127 15.96 25.55 -4.90
CA VAL B 127 15.16 24.45 -5.44
C VAL B 127 13.86 25.04 -5.98
N ASN B 128 13.47 24.61 -7.19
CA ASN B 128 12.27 25.07 -7.86
C ASN B 128 11.55 23.87 -8.43
N TRP B 129 10.23 23.85 -8.26
CA TRP B 129 9.40 22.74 -8.70
C TRP B 129 7.98 23.21 -8.99
N GLN B 130 7.13 22.27 -9.44
CA GLN B 130 5.73 22.48 -9.78
C GLN B 130 4.88 21.53 -8.97
N PRO B 131 3.59 21.85 -8.67
CA PRO B 131 2.77 20.90 -7.92
C PRO B 131 2.57 19.57 -8.64
N PRO B 132 2.35 18.47 -7.94
CA PRO B 132 2.15 17.19 -8.64
C PRO B 132 0.93 17.20 -9.58
N SER B 133 0.97 16.36 -10.60
CA SER B 133 -0.16 16.19 -11.52
C SER B 133 -1.36 15.53 -10.78
N GLU B 134 -1.06 14.55 -9.91
CA GLU B 134 -2.05 13.84 -9.14
C GLU B 134 -1.90 14.24 -7.65
N ALA B 135 -2.24 15.51 -7.36
CA ALA B 135 -2.22 16.08 -6.00
C ALA B 135 -3.32 15.44 -5.13
N ASN B 136 -4.46 15.10 -5.76
CA ASN B 136 -5.62 14.41 -5.17
C ASN B 136 -6.24 15.09 -3.95
N GLY B 137 -5.93 16.37 -3.79
CA GLY B 137 -6.41 17.24 -2.72
C GLY B 137 -5.60 18.51 -2.68
N LYS B 138 -5.87 19.38 -1.70
CA LYS B 138 -5.13 20.63 -1.53
C LYS B 138 -3.76 20.34 -0.91
N ILE B 139 -2.69 20.78 -1.60
CA ILE B 139 -1.32 20.58 -1.14
C ILE B 139 -1.07 21.45 0.09
N THR B 140 -0.66 20.77 1.20
CA THR B 140 -0.40 21.42 2.48
C THR B 140 1.11 21.68 2.72
N GLY B 141 1.95 21.20 1.83
CA GLY B 141 3.38 21.40 2.00
C GLY B 141 4.20 20.46 1.18
N TYR B 142 5.52 20.55 1.30
CA TYR B 142 6.48 19.69 0.62
C TYR B 142 7.59 19.31 1.56
N ILE B 143 8.37 18.31 1.19
CA ILE B 143 9.57 17.93 1.91
C ILE B 143 10.69 17.70 0.92
N ILE B 144 11.78 18.49 1.06
CA ILE B 144 13.02 18.37 0.29
C ILE B 144 13.98 17.48 1.06
N TYR B 145 14.71 16.65 0.33
CA TYR B 145 15.76 15.80 0.87
C TYR B 145 17.00 16.01 0.02
N TYR B 146 18.19 16.15 0.63
CA TYR B 146 19.44 16.24 -0.12
C TYR B 146 20.57 15.42 0.47
N SER B 147 21.47 14.94 -0.37
CA SER B 147 22.60 14.13 0.04
C SER B 147 23.78 14.25 -0.91
N THR B 148 25.00 13.97 -0.41
CA THR B 148 26.20 13.94 -1.22
C THR B 148 26.26 12.57 -1.89
N ASP B 149 25.56 11.58 -1.32
CA ASP B 149 25.48 10.22 -1.84
C ASP B 149 24.05 9.91 -2.25
N VAL B 150 23.85 9.67 -3.55
CA VAL B 150 22.57 9.35 -4.18
C VAL B 150 22.01 8.02 -3.68
N ASN B 151 22.88 7.09 -3.34
CA ASN B 151 22.50 5.76 -2.90
C ASN B 151 22.28 5.61 -1.39
N ALA B 152 22.44 6.72 -0.61
CA ALA B 152 22.25 6.70 0.84
C ALA B 152 20.77 6.43 1.21
N GLU B 153 20.54 5.73 2.33
CA GLU B 153 19.19 5.45 2.80
C GLU B 153 18.52 6.76 3.19
N ILE B 154 17.20 6.86 2.99
CA ILE B 154 16.46 8.09 3.22
C ILE B 154 16.67 8.79 4.57
N HIS B 155 16.89 8.03 5.66
CA HIS B 155 17.14 8.59 6.97
C HIS B 155 18.47 9.36 7.02
N ASP B 156 19.44 8.95 6.18
CA ASP B 156 20.77 9.57 6.05
C ASP B 156 20.76 10.87 5.25
N TRP B 157 19.69 11.12 4.46
CA TRP B 157 19.50 12.34 3.69
C TRP B 157 19.14 13.47 4.63
N VAL B 158 19.44 14.71 4.24
CA VAL B 158 19.14 15.89 5.04
C VAL B 158 17.72 16.33 4.69
N ILE B 159 16.85 16.49 5.71
CA ILE B 159 15.43 16.89 5.55
C ILE B 159 15.28 18.41 5.60
N GLU B 160 14.58 18.96 4.60
CA GLU B 160 14.29 20.39 4.49
C GLU B 160 12.80 20.58 4.19
N PRO B 161 11.97 20.81 5.22
CA PRO B 161 10.52 20.94 4.97
C PRO B 161 10.13 22.30 4.43
N VAL B 162 9.14 22.29 3.54
CA VAL B 162 8.56 23.48 2.90
C VAL B 162 7.07 23.52 3.35
N VAL B 163 6.70 24.54 4.11
CA VAL B 163 5.32 24.69 4.58
C VAL B 163 4.45 25.53 3.63
N GLY B 164 3.29 24.95 3.30
CA GLY B 164 2.31 25.50 2.38
C GLY B 164 2.68 25.18 0.94
N ASN B 165 1.81 25.56 -0.01
CA ASN B 165 2.10 25.34 -1.41
C ASN B 165 3.07 26.42 -1.98
N ARG B 166 4.31 26.45 -1.46
CA ARG B 166 5.40 27.31 -1.94
C ARG B 166 6.09 26.46 -3.02
N LEU B 167 6.54 27.09 -4.12
CA LEU B 167 7.17 26.31 -5.19
C LEU B 167 8.68 26.55 -5.31
N THR B 168 9.23 27.19 -4.28
CA THR B 168 10.64 27.49 -4.16
C THR B 168 11.13 27.34 -2.71
N HIS B 169 12.42 27.01 -2.55
CA HIS B 169 13.05 26.84 -1.25
C HIS B 169 14.52 27.00 -1.40
N GLN B 170 15.10 27.86 -0.57
CA GLN B 170 16.53 28.13 -0.55
C GLN B 170 17.22 27.28 0.52
N ILE B 171 18.35 26.66 0.18
CA ILE B 171 19.15 25.84 1.09
C ILE B 171 20.56 26.47 1.15
N GLN B 172 20.97 26.91 2.36
CA GLN B 172 22.26 27.55 2.60
C GLN B 172 23.25 26.59 3.26
N GLU B 173 24.53 27.05 3.36
CA GLU B 173 25.66 26.35 4.00
C GLU B 173 26.06 24.98 3.37
N LEU B 174 26.00 24.89 2.03
CA LEU B 174 26.40 23.68 1.31
C LEU B 174 27.91 23.72 0.98
N THR B 175 28.59 22.55 1.06
CA THR B 175 30.01 22.38 0.76
C THR B 175 30.25 22.70 -0.73
N LEU B 176 31.31 23.45 -1.00
CA LEU B 176 31.67 23.87 -2.34
C LEU B 176 32.26 22.73 -3.15
N ASP B 177 32.19 22.83 -4.50
CA ASP B 177 32.71 21.82 -5.44
C ASP B 177 32.25 20.38 -5.09
N THR B 178 31.02 20.27 -4.63
CA THR B 178 30.45 19.01 -4.20
C THR B 178 29.23 18.70 -5.02
N PRO B 179 29.14 17.49 -5.63
CA PRO B 179 27.89 17.10 -6.31
C PRO B 179 26.85 16.76 -5.25
N TYR B 180 25.68 17.42 -5.31
CA TYR B 180 24.56 17.17 -4.41
C TYR B 180 23.39 16.55 -5.17
N TYR B 181 22.49 15.89 -4.44
CA TYR B 181 21.33 15.22 -4.99
C TYR B 181 20.14 15.70 -4.22
N PHE B 182 19.05 16.08 -4.94
CA PHE B 182 17.82 16.60 -4.34
C PHE B 182 16.61 15.89 -4.80
N LYS B 183 15.68 15.67 -3.90
CA LYS B 183 14.37 15.09 -4.22
C LYS B 183 13.30 15.68 -3.34
N ILE B 184 12.07 15.74 -3.86
CA ILE B 184 10.94 16.35 -3.16
C ILE B 184 9.72 15.45 -3.20
N GLN B 185 8.89 15.54 -2.16
CA GLN B 185 7.59 14.90 -2.08
C GLN B 185 6.56 15.90 -1.61
N ALA B 186 5.32 15.75 -2.10
CA ALA B 186 4.21 16.62 -1.78
C ALA B 186 3.51 16.07 -0.60
N ARG B 187 2.82 16.93 0.13
CA ARG B 187 2.00 16.55 1.25
C ARG B 187 0.59 17.12 1.10
N ASN B 188 -0.42 16.35 1.50
CA ASN B 188 -1.78 16.82 1.58
C ASN B 188 -2.37 16.38 2.92
N SER B 189 -3.63 16.73 3.19
CA SER B 189 -4.34 16.36 4.42
C SER B 189 -4.30 14.85 4.72
N LYS B 190 -4.01 14.01 3.73
CA LYS B 190 -4.01 12.56 3.88
C LYS B 190 -2.61 11.92 4.01
N GLY B 191 -1.56 12.67 3.71
CA GLY B 191 -0.21 12.17 3.86
C GLY B 191 0.77 12.56 2.77
N MET B 192 1.90 11.84 2.74
CA MET B 192 3.01 12.06 1.80
C MET B 192 2.76 11.34 0.50
N GLY B 193 3.09 12.00 -0.59
CA GLY B 193 2.98 11.41 -1.91
C GLY B 193 4.32 10.83 -2.31
N PRO B 194 4.46 10.33 -3.55
CA PRO B 194 5.76 9.81 -3.97
C PRO B 194 6.82 10.91 -4.14
N MET B 195 8.08 10.53 -4.23
CA MET B 195 9.22 11.44 -4.40
C MET B 195 9.57 11.59 -5.84
N SER B 196 10.17 12.77 -6.14
CA SER B 196 10.66 13.08 -7.44
C SER B 196 11.93 12.23 -7.66
N GLU B 197 12.38 12.08 -8.92
CA GLU B 197 13.65 11.43 -9.12
C GLU B 197 14.71 12.47 -8.70
N ALA B 198 15.78 12.00 -8.07
CA ALA B 198 16.84 12.87 -7.60
C ALA B 198 17.42 13.68 -8.75
N VAL B 199 17.56 14.99 -8.49
CA VAL B 199 18.15 15.94 -9.41
C VAL B 199 19.58 16.18 -8.89
N GLN B 200 20.57 16.05 -9.77
CA GLN B 200 21.95 16.30 -9.40
C GLN B 200 22.36 17.74 -9.68
N PHE B 201 23.09 18.32 -8.71
CA PHE B 201 23.64 19.66 -8.81
C PHE B 201 25.01 19.71 -8.13
N ARG B 202 26.03 20.16 -8.86
CA ARG B 202 27.35 20.34 -8.28
C ARG B 202 27.56 21.82 -7.95
N THR B 203 27.75 22.13 -6.67
CA THR B 203 28.01 23.48 -6.19
C THR B 203 29.30 24.04 -6.81
N PRO B 204 29.34 25.34 -7.17
CA PRO B 204 30.59 25.91 -7.73
C PRO B 204 31.81 25.80 -6.81
N THR C 4 -25.23 -12.84 -41.97
CA THR C 4 -24.51 -14.12 -42.03
C THR C 4 -23.59 -14.34 -40.78
N PRO C 5 -23.02 -15.56 -40.54
CA PRO C 5 -22.23 -15.73 -39.32
C PRO C 5 -20.79 -15.25 -39.46
N MET C 6 -20.36 -14.42 -38.49
CA MET C 6 -19.01 -13.90 -38.47
C MET C 6 -18.07 -14.97 -37.97
N MET C 7 -16.81 -14.92 -38.44
CA MET C 7 -15.78 -15.85 -38.03
C MET C 7 -15.30 -15.51 -36.60
N PRO C 8 -15.32 -16.48 -35.66
CA PRO C 8 -14.86 -16.16 -34.29
C PRO C 8 -13.35 -15.88 -34.23
N PRO C 9 -12.90 -15.01 -33.27
CA PRO C 9 -11.45 -14.75 -33.16
C PRO C 9 -10.60 -16.00 -32.94
N VAL C 10 -9.30 -15.92 -33.28
CA VAL C 10 -8.33 -17.03 -33.15
C VAL C 10 -7.08 -16.56 -32.41
N GLY C 11 -6.15 -17.49 -32.16
CA GLY C 11 -4.87 -17.20 -31.52
C GLY C 11 -4.96 -16.44 -30.21
N VAL C 12 -5.98 -16.81 -29.40
CA VAL C 12 -6.25 -16.21 -28.10
C VAL C 12 -5.16 -16.61 -27.11
N GLN C 13 -4.52 -15.59 -26.50
CA GLN C 13 -3.45 -15.85 -25.55
C GLN C 13 -3.64 -15.03 -24.32
N ALA C 14 -3.17 -15.59 -23.18
CA ALA C 14 -3.19 -14.92 -21.90
C ALA C 14 -1.72 -14.66 -21.48
N SER C 15 -1.43 -13.40 -21.09
CA SER C 15 -0.12 -12.98 -20.62
C SER C 15 -0.31 -12.52 -19.20
N ILE C 16 0.33 -13.22 -18.24
CA ILE C 16 0.19 -12.91 -16.82
C ILE C 16 1.08 -11.74 -16.45
N LEU C 17 0.45 -10.71 -15.87
CA LEU C 17 1.13 -9.47 -15.50
C LEU C 17 1.30 -9.26 -14.03
N SER C 18 0.30 -9.64 -13.24
CA SER C 18 0.34 -9.50 -11.79
C SER C 18 -0.56 -10.57 -11.15
N HIS C 19 -0.82 -10.41 -9.85
CA HIS C 19 -1.72 -11.25 -9.08
C HIS C 19 -3.20 -10.90 -9.45
N ASP C 20 -3.45 -9.79 -10.17
CA ASP C 20 -4.79 -9.36 -10.50
C ASP C 20 -4.96 -8.95 -11.96
N THR C 21 -3.88 -9.05 -12.75
CA THR C 21 -3.92 -8.63 -14.15
C THR C 21 -3.38 -9.67 -15.14
N ILE C 22 -4.19 -9.91 -16.19
CA ILE C 22 -3.88 -10.80 -17.31
C ILE C 22 -4.21 -10.04 -18.61
N ARG C 23 -3.28 -10.00 -19.55
CA ARG C 23 -3.52 -9.36 -20.85
C ARG C 23 -3.97 -10.40 -21.85
N ILE C 24 -5.10 -10.15 -22.47
CA ILE C 24 -5.66 -11.06 -23.47
C ILE C 24 -5.44 -10.51 -24.85
N THR C 25 -4.93 -11.36 -25.74
CA THR C 25 -4.69 -10.98 -27.12
C THR C 25 -5.32 -12.03 -28.01
N TRP C 26 -5.73 -11.61 -29.21
CA TRP C 26 -6.30 -12.48 -30.21
C TRP C 26 -6.05 -11.89 -31.58
N ALA C 27 -6.46 -12.64 -32.60
CA ALA C 27 -6.41 -12.28 -34.01
C ALA C 27 -7.85 -12.41 -34.53
N ASP C 28 -8.19 -11.59 -35.53
CA ASP C 28 -9.48 -11.62 -36.17
C ASP C 28 -9.22 -11.94 -37.63
N ASN C 29 -9.68 -13.10 -38.10
CA ASN C 29 -9.46 -13.50 -39.49
C ASN C 29 -10.17 -12.66 -40.54
N SER C 30 -11.36 -12.10 -40.17
CA SER C 30 -12.17 -11.20 -41.00
C SER C 30 -11.53 -9.79 -41.20
N LEU C 31 -10.24 -9.67 -40.85
CA LEU C 31 -9.40 -8.47 -41.00
C LEU C 31 -8.19 -8.84 -41.89
N PRO C 32 -7.51 -7.87 -42.58
CA PRO C 32 -6.32 -8.26 -43.38
C PRO C 32 -5.10 -8.64 -42.52
N LYS C 33 -4.05 -9.22 -43.15
CA LYS C 33 -2.81 -9.69 -42.48
C LYS C 33 -2.13 -8.66 -41.53
N HIS C 34 -2.27 -7.34 -41.84
CA HIS C 34 -1.71 -6.23 -41.04
C HIS C 34 -2.43 -6.07 -39.67
N GLN C 35 -3.63 -6.69 -39.54
CA GLN C 35 -4.50 -6.74 -38.36
C GLN C 35 -4.93 -5.35 -37.83
N LYS C 36 -5.58 -4.56 -38.73
CA LYS C 36 -6.06 -3.20 -38.46
C LYS C 36 -7.59 -3.00 -38.62
N ILE C 37 -8.27 -2.60 -37.51
CA ILE C 37 -9.72 -2.31 -37.46
C ILE C 37 -9.97 -0.91 -38.03
N THR C 38 -10.80 -0.85 -39.07
CA THR C 38 -11.18 0.37 -39.75
C THR C 38 -12.69 0.59 -39.64
N ASP C 39 -13.47 -0.48 -39.32
CA ASP C 39 -14.93 -0.42 -39.20
C ASP C 39 -15.49 -0.35 -37.75
N SER C 40 -16.84 -0.47 -37.63
CA SER C 40 -17.62 -0.42 -36.39
C SER C 40 -17.60 -1.70 -35.54
N ARG C 41 -16.80 -2.70 -35.93
CA ARG C 41 -16.75 -3.94 -35.13
C ARG C 41 -16.16 -3.73 -33.73
N TYR C 42 -16.62 -4.56 -32.79
CA TYR C 42 -16.13 -4.58 -31.42
C TYR C 42 -16.05 -5.99 -30.94
N TYR C 43 -15.09 -6.24 -30.03
CA TYR C 43 -14.87 -7.55 -29.45
C TYR C 43 -15.36 -7.58 -28.05
N THR C 44 -15.84 -8.73 -27.64
CA THR C 44 -16.29 -8.93 -26.29
C THR C 44 -15.45 -10.03 -25.68
N VAL C 45 -14.74 -9.70 -24.60
CA VAL C 45 -13.88 -10.65 -23.88
C VAL C 45 -14.66 -11.13 -22.70
N ARG C 46 -14.64 -12.43 -22.44
CA ARG C 46 -15.30 -12.99 -21.27
C ARG C 46 -14.34 -13.89 -20.50
N TRP C 47 -14.52 -13.90 -19.18
CA TRP C 47 -13.68 -14.69 -18.29
C TRP C 47 -14.46 -15.09 -17.08
N LYS C 48 -14.06 -16.23 -16.54
CA LYS C 48 -14.62 -16.83 -15.35
C LYS C 48 -13.57 -17.72 -14.75
N THR C 49 -13.61 -17.92 -13.44
CA THR C 49 -12.65 -18.81 -12.80
C THR C 49 -13.06 -20.25 -13.17
N ASN C 50 -12.06 -21.09 -13.42
CA ASN C 50 -12.20 -22.51 -13.75
C ASN C 50 -13.07 -23.28 -12.72
N ILE C 51 -12.89 -23.00 -11.41
CA ILE C 51 -13.63 -23.63 -10.31
C ILE C 51 -14.29 -22.57 -9.42
N ASN C 54 -19.49 -23.11 -13.98
CA ASN C 54 -20.48 -22.90 -12.91
C ASN C 54 -20.54 -21.39 -12.59
N THR C 55 -19.40 -20.82 -12.14
CA THR C 55 -19.17 -19.38 -11.89
C THR C 55 -19.68 -18.55 -13.10
N LYS C 56 -20.40 -17.45 -12.86
CA LYS C 56 -20.94 -16.59 -13.93
C LYS C 56 -19.83 -15.80 -14.60
N TYR C 57 -19.94 -15.64 -15.93
CA TYR C 57 -18.92 -14.92 -16.70
C TYR C 57 -18.97 -13.42 -16.46
N LYS C 58 -17.78 -12.81 -16.38
CA LYS C 58 -17.58 -11.36 -16.34
C LYS C 58 -17.14 -11.04 -17.75
N ASN C 59 -17.56 -9.91 -18.31
CA ASN C 59 -17.14 -9.57 -19.65
C ASN C 59 -16.92 -8.10 -19.94
N ALA C 60 -16.16 -7.81 -21.00
CA ALA C 60 -15.81 -6.45 -21.37
C ALA C 60 -15.71 -6.28 -22.87
N ASN C 61 -16.00 -5.06 -23.35
CA ASN C 61 -15.89 -4.72 -24.78
C ASN C 61 -14.55 -4.07 -25.07
N ALA C 62 -14.00 -4.36 -26.27
CA ALA C 62 -12.73 -3.86 -26.73
C ALA C 62 -12.83 -3.48 -28.20
N THR C 63 -12.12 -2.44 -28.62
CA THR C 63 -12.11 -2.01 -30.01
C THR C 63 -10.76 -2.30 -30.68
N THR C 64 -9.88 -3.00 -29.93
CA THR C 64 -8.55 -3.40 -30.35
C THR C 64 -8.40 -4.92 -30.23
N LEU C 65 -7.30 -5.49 -30.78
CA LEU C 65 -7.04 -6.92 -30.74
C LEU C 65 -6.36 -7.38 -29.43
N SER C 66 -6.71 -6.70 -28.32
CA SER C 66 -6.25 -7.00 -26.98
C SER C 66 -7.13 -6.34 -25.92
N TYR C 67 -7.13 -6.91 -24.73
CA TYR C 67 -7.84 -6.41 -23.57
C TYR C 67 -7.06 -6.71 -22.28
N LEU C 68 -7.01 -5.72 -21.39
CA LEU C 68 -6.34 -5.86 -20.12
C LEU C 68 -7.36 -6.24 -19.06
N VAL C 69 -7.37 -7.52 -18.67
CA VAL C 69 -8.30 -7.99 -17.67
C VAL C 69 -7.71 -7.68 -16.29
N THR C 70 -8.40 -6.81 -15.55
CA THR C 70 -7.99 -6.36 -14.21
C THR C 70 -8.95 -6.86 -13.13
N GLY C 71 -8.60 -6.57 -11.87
CA GLY C 71 -9.39 -6.94 -10.69
C GLY C 71 -9.59 -8.42 -10.48
N LEU C 72 -8.68 -9.26 -11.01
CA LEU C 72 -8.74 -10.71 -10.86
C LEU C 72 -8.26 -11.11 -9.46
N LYS C 73 -8.59 -12.33 -9.01
CA LYS C 73 -8.15 -12.79 -7.69
C LYS C 73 -6.74 -13.35 -7.80
N PRO C 74 -5.85 -13.15 -6.80
CA PRO C 74 -4.51 -13.78 -6.88
C PRO C 74 -4.57 -15.31 -6.85
N ASN C 75 -3.57 -15.96 -7.45
CA ASN C 75 -3.46 -17.44 -7.46
C ASN C 75 -4.73 -18.13 -7.93
N THR C 76 -5.31 -17.63 -9.02
CA THR C 76 -6.56 -18.16 -9.54
C THR C 76 -6.45 -18.42 -11.04
N LEU C 77 -6.90 -19.60 -11.46
CA LEU C 77 -6.94 -20.01 -12.86
C LEU C 77 -8.26 -19.50 -13.46
N TYR C 78 -8.14 -18.81 -14.61
CA TYR C 78 -9.25 -18.22 -15.35
C TYR C 78 -9.23 -18.77 -16.76
N GLU C 79 -10.43 -18.80 -17.37
CA GLU C 79 -10.70 -19.20 -18.75
C GLU C 79 -11.07 -17.91 -19.45
N PHE C 80 -10.58 -17.71 -20.66
CA PHE C 80 -10.91 -16.53 -21.44
C PHE C 80 -11.32 -16.93 -22.82
N SER C 81 -12.29 -16.20 -23.37
CA SER C 81 -12.77 -16.38 -24.75
C SER C 81 -13.26 -15.05 -25.26
N VAL C 82 -13.17 -14.88 -26.58
CA VAL C 82 -13.54 -13.64 -27.26
C VAL C 82 -14.52 -13.97 -28.36
N MET C 83 -15.34 -12.97 -28.72
CA MET C 83 -16.26 -12.98 -29.85
C MET C 83 -16.16 -11.61 -30.52
N VAL C 84 -16.74 -11.49 -31.72
CA VAL C 84 -16.78 -10.26 -32.52
C VAL C 84 -18.23 -9.97 -32.92
N THR C 85 -18.58 -8.67 -32.92
CA THR C 85 -19.88 -8.12 -33.32
C THR C 85 -19.62 -6.92 -34.23
N LYS C 86 -20.36 -6.84 -35.34
CA LYS C 86 -20.32 -5.72 -36.31
C LYS C 86 -21.77 -5.50 -36.75
N GLY C 87 -22.47 -4.66 -35.99
CA GLY C 87 -23.88 -4.36 -36.20
C GLY C 87 -24.77 -5.52 -35.84
N ARG C 88 -25.66 -5.91 -36.78
CA ARG C 88 -26.62 -7.02 -36.66
C ARG C 88 -25.91 -8.39 -36.61
N ARG C 89 -24.71 -8.48 -37.25
CA ARG C 89 -23.88 -9.69 -37.30
C ARG C 89 -23.02 -9.87 -36.03
N SER C 90 -22.76 -11.14 -35.68
CA SER C 90 -21.91 -11.54 -34.57
C SER C 90 -21.36 -12.96 -34.78
N SER C 91 -20.28 -13.32 -34.06
CA SER C 91 -19.63 -14.62 -34.13
C SER C 91 -19.91 -15.40 -32.85
N THR C 92 -19.45 -16.67 -32.78
CA THR C 92 -19.53 -17.45 -31.55
C THR C 92 -18.30 -17.11 -30.72
N TRP C 93 -18.14 -17.77 -29.57
CA TRP C 93 -16.98 -17.55 -28.73
C TRP C 93 -15.81 -18.34 -29.28
N SER C 94 -14.63 -17.72 -29.23
CA SER C 94 -13.37 -18.27 -29.71
C SER C 94 -12.95 -19.49 -28.90
N MET C 95 -11.77 -20.02 -29.25
CA MET C 95 -11.17 -21.08 -28.46
C MET C 95 -10.82 -20.48 -27.11
N THR C 96 -10.76 -21.31 -26.08
CA THR C 96 -10.48 -20.79 -24.75
C THR C 96 -9.02 -20.75 -24.43
N ALA C 97 -8.59 -19.61 -23.88
CA ALA C 97 -7.25 -19.38 -23.39
C ALA C 97 -7.33 -19.49 -21.87
N HIS C 98 -6.28 -20.01 -21.24
CA HIS C 98 -6.22 -20.17 -19.79
C HIS C 98 -5.06 -19.40 -19.25
N GLY C 99 -5.29 -18.80 -18.08
CA GLY C 99 -4.31 -18.00 -17.39
C GLY C 99 -4.58 -17.95 -15.91
N ALA C 100 -3.52 -18.23 -15.13
CA ALA C 100 -3.58 -18.21 -13.68
C ALA C 100 -2.80 -16.99 -13.20
N THR C 101 -3.45 -16.16 -12.37
CA THR C 101 -2.82 -14.97 -11.80
C THR C 101 -1.71 -15.39 -10.84
N PHE C 102 -0.72 -14.51 -10.65
CA PHE C 102 0.38 -14.76 -9.74
C PHE C 102 -0.13 -14.85 -8.28
N GLU C 103 0.70 -15.43 -7.38
CA GLU C 103 0.38 -15.47 -5.96
C GLU C 103 0.62 -14.03 -5.47
N LEU C 104 0.18 -13.77 -4.25
CA LEU C 104 0.35 -12.50 -3.58
C LEU C 104 0.53 -12.90 -2.12
N VAL C 105 1.19 -12.06 -1.32
CA VAL C 105 1.32 -12.28 0.12
C VAL C 105 -0.08 -12.44 0.74
N PRO C 106 -0.21 -13.22 1.82
CA PRO C 106 -1.54 -13.31 2.48
C PRO C 106 -2.04 -11.92 2.84
N THR C 107 -3.35 -11.65 2.66
CA THR C 107 -3.88 -10.32 2.98
C THR C 107 -4.86 -10.37 4.13
N SER C 108 -4.87 -11.50 4.84
CA SER C 108 -5.74 -11.75 5.98
C SER C 108 -4.96 -12.57 7.03
N PRO C 109 -5.29 -12.45 8.34
CA PRO C 109 -4.51 -13.21 9.35
C PRO C 109 -4.97 -14.64 9.50
N PRO C 110 -4.14 -15.54 10.10
CA PRO C 110 -4.66 -16.88 10.43
C PRO C 110 -5.88 -16.71 11.34
N LYS C 111 -6.95 -17.43 11.00
CA LYS C 111 -8.24 -17.41 11.69
C LYS C 111 -8.22 -18.30 12.95
N ASP C 112 -9.23 -18.08 13.83
CA ASP C 112 -9.56 -18.85 15.02
C ASP C 112 -8.41 -19.27 15.94
N VAL C 113 -7.51 -18.31 16.23
CA VAL C 113 -6.36 -18.56 17.12
C VAL C 113 -6.82 -18.82 18.56
N THR C 114 -6.34 -19.92 19.17
CA THR C 114 -6.64 -20.34 20.57
C THR C 114 -5.37 -20.87 21.26
N VAL C 115 -5.28 -20.71 22.59
CA VAL C 115 -4.17 -21.18 23.44
C VAL C 115 -4.71 -21.98 24.64
N VAL C 116 -4.16 -23.17 24.85
CA VAL C 116 -4.52 -24.07 25.96
C VAL C 116 -3.23 -24.53 26.64
N SER C 117 -3.32 -24.96 27.90
CA SER C 117 -2.16 -25.52 28.59
C SER C 117 -2.11 -27.00 28.23
N LYS C 118 -0.89 -27.52 27.98
CA LYS C 118 -0.68 -28.92 27.67
C LYS C 118 -0.98 -29.78 28.93
N GLU C 119 -1.66 -30.92 28.74
CA GLU C 119 -2.04 -31.86 29.78
C GLU C 119 -0.83 -32.29 30.62
N GLY C 120 -0.88 -31.98 31.93
CA GLY C 120 0.17 -32.27 32.90
C GLY C 120 1.49 -31.53 32.75
N LYS C 121 1.54 -30.51 31.86
CA LYS C 121 2.74 -29.71 31.61
C LYS C 121 2.39 -28.22 31.72
N PRO C 122 2.48 -27.63 32.93
CA PRO C 122 2.09 -26.21 33.10
C PRO C 122 2.96 -25.19 32.36
N ARG C 123 4.27 -25.48 32.22
CA ARG C 123 5.25 -24.62 31.54
C ARG C 123 5.14 -24.72 29.99
N THR C 124 4.27 -25.62 29.51
CA THR C 124 3.99 -25.87 28.09
C THR C 124 2.56 -25.43 27.73
N ILE C 125 2.44 -24.79 26.56
CA ILE C 125 1.17 -24.34 25.98
C ILE C 125 1.02 -24.86 24.55
N ILE C 126 -0.24 -24.97 24.07
CA ILE C 126 -0.55 -25.38 22.70
C ILE C 126 -1.33 -24.29 21.96
N VAL C 127 -0.79 -23.84 20.82
CA VAL C 127 -1.41 -22.85 19.96
C VAL C 127 -2.16 -23.60 18.85
N ASN C 128 -3.40 -23.18 18.57
CA ASN C 128 -4.24 -23.76 17.54
C ASN C 128 -4.89 -22.66 16.72
N TRP C 129 -4.91 -22.83 15.39
CA TRP C 129 -5.44 -21.82 14.48
C TRP C 129 -5.95 -22.45 13.18
N GLN C 130 -6.48 -21.61 12.26
CA GLN C 130 -7.00 -21.99 10.94
C GLN C 130 -6.30 -21.18 9.86
N PRO C 131 -6.20 -21.67 8.60
CA PRO C 131 -5.51 -20.87 7.56
C PRO C 131 -6.21 -19.56 7.27
N PRO C 132 -5.49 -18.50 6.80
CA PRO C 132 -6.18 -17.25 6.50
C PRO C 132 -7.24 -17.40 5.40
N SER C 133 -8.26 -16.51 5.44
CA SER C 133 -9.28 -16.47 4.40
C SER C 133 -8.67 -16.02 3.05
N GLU C 134 -7.76 -15.03 3.09
CA GLU C 134 -7.07 -14.49 1.90
C GLU C 134 -5.60 -14.90 1.93
N ALA C 135 -5.37 -16.21 1.76
CA ALA C 135 -4.03 -16.80 1.70
C ALA C 135 -3.26 -16.35 0.43
N ASN C 136 -4.01 -16.13 -0.67
CA ASN C 136 -3.51 -15.64 -1.96
C ASN C 136 -2.39 -16.47 -2.61
N GLY C 137 -2.25 -17.70 -2.15
CA GLY C 137 -1.25 -18.65 -2.61
C GLY C 137 -1.13 -19.80 -1.63
N LYS C 138 -0.23 -20.74 -1.91
CA LYS C 138 -0.06 -21.90 -1.03
C LYS C 138 0.68 -21.49 0.23
N ILE C 139 0.08 -21.73 1.39
CA ILE C 139 0.71 -21.42 2.68
C ILE C 139 1.92 -22.29 2.92
N THR C 140 3.08 -21.64 3.11
CA THR C 140 4.37 -22.33 3.31
C THR C 140 4.79 -22.39 4.77
N GLY C 141 4.01 -21.79 5.65
CA GLY C 141 4.32 -21.82 7.06
C GLY C 141 3.67 -20.69 7.80
N TYR C 142 3.95 -20.61 9.09
CA TYR C 142 3.42 -19.58 9.99
C TYR C 142 4.51 -19.12 10.91
N ILE C 143 4.31 -17.97 11.53
CA ILE C 143 5.21 -17.46 12.55
C ILE C 143 4.39 -17.02 13.75
N ILE C 144 4.67 -17.65 14.90
CA ILE C 144 4.05 -17.34 16.19
C ILE C 144 4.97 -16.37 16.91
N TYR C 145 4.37 -15.38 17.59
CA TYR C 145 5.09 -14.41 18.41
C TYR C 145 4.42 -14.40 19.77
N TYR C 146 5.23 -14.38 20.85
CA TYR C 146 4.69 -14.28 22.20
C TYR C 146 5.48 -13.35 23.10
N SER C 147 4.79 -12.70 24.05
CA SER C 147 5.42 -11.75 24.96
C SER C 147 4.64 -11.66 26.26
N THR C 148 5.34 -11.23 27.32
CA THR C 148 4.74 -10.99 28.63
C THR C 148 4.12 -9.59 28.61
N ASP C 149 4.58 -8.74 27.68
CA ASP C 149 4.08 -7.38 27.48
C ASP C 149 3.45 -7.25 26.10
N VAL C 150 2.14 -7.00 26.08
CA VAL C 150 1.34 -6.84 24.87
C VAL C 150 1.76 -5.62 24.04
N ASN C 151 2.26 -4.58 24.70
CA ASN C 151 2.65 -3.34 24.05
C ASN C 151 4.11 -3.30 23.57
N ALA C 152 4.89 -4.38 23.79
CA ALA C 152 6.30 -4.46 23.39
C ALA C 152 6.48 -4.43 21.87
N GLU C 153 7.59 -3.84 21.41
CA GLU C 153 7.89 -3.78 19.96
C GLU C 153 8.12 -5.20 19.44
N ILE C 154 7.77 -5.45 18.18
CA ILE C 154 7.85 -6.80 17.60
C ILE C 154 9.18 -7.54 17.73
N HIS C 155 10.32 -6.81 17.70
CA HIS C 155 11.65 -7.40 17.88
C HIS C 155 11.81 -7.98 19.29
N ASP C 156 11.13 -7.40 20.28
CA ASP C 156 11.16 -7.82 21.69
C ASP C 156 10.32 -9.06 21.96
N TRP C 157 9.40 -9.41 21.04
CA TRP C 157 8.56 -10.61 21.14
C TRP C 157 9.41 -11.82 20.81
N VAL C 158 9.02 -12.97 21.34
CA VAL C 158 9.76 -14.22 21.10
C VAL C 158 9.19 -14.83 19.82
N ILE C 159 10.06 -15.19 18.86
CA ILE C 159 9.66 -15.78 17.57
C ILE C 159 9.65 -17.31 17.64
N GLU C 160 8.54 -17.93 17.20
CA GLU C 160 8.36 -19.37 17.13
C GLU C 160 7.84 -19.76 15.75
N PRO C 161 8.73 -20.16 14.82
CA PRO C 161 8.27 -20.49 13.46
C PRO C 161 7.65 -21.88 13.34
N VAL C 162 6.63 -21.98 12.50
CA VAL C 162 5.86 -23.20 12.19
C VAL C 162 6.08 -23.49 10.69
N VAL C 163 6.72 -24.63 10.38
CA VAL C 163 7.01 -25.04 9.01
C VAL C 163 5.91 -25.86 8.40
N GLY C 164 5.48 -25.43 7.22
CA GLY C 164 4.41 -26.04 6.46
C GLY C 164 3.05 -25.59 6.93
N ASN C 165 1.99 -26.02 6.22
CA ASN C 165 0.65 -25.67 6.65
C ASN C 165 0.14 -26.56 7.82
N ARG C 166 0.83 -26.44 8.98
CA ARG C 166 0.49 -27.13 10.24
C ARG C 166 -0.44 -26.16 10.95
N LEU C 167 -1.45 -26.67 11.66
CA LEU C 167 -2.40 -25.79 12.33
C LEU C 167 -2.30 -25.82 13.85
N THR C 168 -1.20 -26.43 14.35
CA THR C 168 -0.87 -26.53 15.77
C THR C 168 0.62 -26.36 16.00
N HIS C 169 0.98 -25.86 17.19
CA HIS C 169 2.37 -25.68 17.61
C HIS C 169 2.43 -25.61 19.12
N GLN C 170 3.34 -26.39 19.69
CA GLN C 170 3.58 -26.46 21.11
C GLN C 170 4.77 -25.55 21.50
N ILE C 171 4.60 -24.75 22.55
CA ILE C 171 5.65 -23.86 23.07
C ILE C 171 5.97 -24.28 24.50
N GLN C 172 7.23 -24.67 24.77
CA GLN C 172 7.70 -25.12 26.08
C GLN C 172 8.50 -24.03 26.83
N GLU C 173 8.83 -24.32 28.11
CA GLU C 173 9.66 -23.47 29.00
C GLU C 173 9.08 -22.10 29.35
N LEU C 174 7.77 -21.98 29.49
CA LEU C 174 7.13 -20.70 29.83
C LEU C 174 7.06 -20.50 31.35
N THR C 175 7.26 -19.24 31.81
CA THR C 175 7.19 -18.84 33.21
C THR C 175 5.77 -19.07 33.74
N LEU C 176 5.67 -19.67 34.90
CA LEU C 176 4.41 -20.00 35.56
C LEU C 176 3.71 -18.76 36.11
N ASP C 177 2.35 -18.83 36.26
CA ASP C 177 1.49 -17.76 36.75
C ASP C 177 1.77 -16.41 36.06
N THR C 178 2.04 -16.48 34.75
CA THR C 178 2.38 -15.32 33.95
C THR C 178 1.39 -15.17 32.83
N PRO C 179 0.79 -13.96 32.66
CA PRO C 179 -0.07 -13.73 31.49
C PRO C 179 0.81 -13.55 30.25
N TYR C 180 0.55 -14.35 29.23
CA TYR C 180 1.25 -14.31 27.95
C TYR C 180 0.33 -13.84 26.84
N TYR C 181 0.92 -13.33 25.76
CA TYR C 181 0.20 -12.80 24.61
C TYR C 181 0.74 -13.48 23.39
N PHE C 182 -0.14 -13.96 22.50
CA PHE C 182 0.24 -14.67 21.29
C PHE C 182 -0.40 -14.11 20.06
N LYS C 183 0.36 -14.06 18.99
CA LYS C 183 -0.14 -13.67 17.69
C LYS C 183 0.58 -14.44 16.58
N ILE C 184 -0.12 -14.70 15.47
CA ILE C 184 0.40 -15.48 14.35
C ILE C 184 0.22 -14.75 13.05
N GLN C 185 1.14 -15.00 12.11
CA GLN C 185 1.06 -14.51 10.73
C GLN C 185 1.37 -15.68 9.80
N ALA C 186 0.71 -15.69 8.65
CA ALA C 186 0.87 -16.71 7.62
C ALA C 186 2.01 -16.31 6.74
N ARG C 187 2.62 -17.31 6.10
CA ARG C 187 3.66 -17.10 5.14
C ARG C 187 3.27 -17.84 3.86
N ASN C 188 3.59 -17.24 2.71
CA ASN C 188 3.50 -17.93 1.44
C ASN C 188 4.81 -17.69 0.67
N SER C 189 4.94 -18.25 -0.56
CA SER C 189 6.11 -18.09 -1.39
C SER C 189 6.52 -16.62 -1.57
N LYS C 190 5.59 -15.66 -1.37
CA LYS C 190 5.80 -14.23 -1.59
C LYS C 190 6.15 -13.44 -0.34
N GLY C 191 5.83 -13.94 0.84
CA GLY C 191 6.15 -13.23 2.07
C GLY C 191 5.15 -13.43 3.18
N MET C 192 5.24 -12.53 4.17
CA MET C 192 4.44 -12.53 5.39
C MET C 192 3.13 -11.79 5.19
N GLY C 193 2.08 -12.34 5.75
CA GLY C 193 0.78 -11.69 5.71
C GLY C 193 0.52 -10.92 7.00
N PRO C 194 -0.70 -10.37 7.22
CA PRO C 194 -0.95 -9.67 8.49
C PRO C 194 -1.01 -10.64 9.68
N MET C 195 -0.93 -10.07 10.90
CA MET C 195 -0.98 -10.81 12.16
C MET C 195 -2.37 -10.88 12.70
N SER C 196 -2.59 -11.93 13.50
CA SER C 196 -3.84 -12.12 14.21
C SER C 196 -3.88 -11.12 15.38
N GLU C 197 -5.07 -10.94 15.97
CA GLU C 197 -5.24 -10.13 17.19
C GLU C 197 -4.59 -10.96 18.29
N ALA C 198 -3.79 -10.31 19.17
CA ALA C 198 -3.12 -11.02 20.28
C ALA C 198 -4.14 -11.72 21.16
N VAL C 199 -3.88 -12.99 21.44
CA VAL C 199 -4.71 -13.83 22.30
C VAL C 199 -3.96 -13.87 23.65
N GLN C 200 -4.67 -13.57 24.74
CA GLN C 200 -4.07 -13.62 26.07
C GLN C 200 -4.30 -14.98 26.73
N PHE C 201 -3.24 -15.50 27.36
CA PHE C 201 -3.27 -16.75 28.10
C PHE C 201 -2.35 -16.66 29.32
N ARG C 202 -2.91 -16.96 30.49
CA ARG C 202 -2.12 -16.96 31.71
C ARG C 202 -1.80 -18.40 32.10
N THR C 203 -0.50 -18.71 32.13
CA THR C 203 0.01 -20.03 32.51
C THR C 203 -0.41 -20.38 33.95
N PRO C 204 -0.75 -21.66 34.23
CA PRO C 204 -1.10 -22.03 35.61
C PRO C 204 0.05 -21.84 36.62
N THR D 4 33.64 19.38 34.10
CA THR D 4 32.61 20.31 34.63
C THR D 4 31.22 20.09 33.95
N PRO D 5 30.09 20.70 34.43
CA PRO D 5 28.80 20.42 33.77
C PRO D 5 28.54 21.24 32.52
N MET D 6 28.18 20.55 31.44
CA MET D 6 27.85 21.16 30.18
C MET D 6 26.46 21.76 30.25
N MET D 7 26.23 22.83 29.48
CA MET D 7 24.93 23.49 29.41
C MET D 7 23.95 22.63 28.59
N PRO D 8 22.76 22.27 29.13
CA PRO D 8 21.82 21.46 28.34
C PRO D 8 21.24 22.20 27.14
N PRO D 9 20.87 21.49 26.04
CA PRO D 9 20.28 22.17 24.89
C PRO D 9 18.99 22.95 25.22
N VAL D 10 18.66 23.95 24.38
CA VAL D 10 17.48 24.81 24.54
C VAL D 10 16.67 24.87 23.24
N GLY D 11 15.51 25.54 23.28
CA GLY D 11 14.65 25.75 22.12
C GLY D 11 14.27 24.50 21.37
N VAL D 12 14.00 23.43 22.15
CA VAL D 12 13.61 22.11 21.65
C VAL D 12 12.21 22.17 21.04
N GLN D 13 12.09 21.76 19.79
CA GLN D 13 10.81 21.77 19.10
C GLN D 13 10.57 20.45 18.41
N ALA D 14 9.27 20.07 18.32
CA ALA D 14 8.82 18.87 17.63
C ALA D 14 8.02 19.31 16.41
N SER D 15 8.34 18.77 15.23
CA SER D 15 7.64 19.06 13.99
C SER D 15 7.08 17.74 13.51
N ILE D 16 5.76 17.64 13.42
CA ILE D 16 5.09 16.41 13.02
C ILE D 16 5.10 16.26 11.52
N LEU D 17 5.61 15.11 11.09
CA LEU D 17 5.78 14.80 9.66
C LEU D 17 4.86 13.75 9.14
N SER D 18 4.62 12.70 9.93
CA SER D 18 3.74 11.62 9.52
C SER D 18 3.11 10.99 10.75
N HIS D 19 2.49 9.82 10.56
CA HIS D 19 1.91 9.01 11.63
C HIS D 19 3.02 8.29 12.42
N ASP D 20 4.27 8.30 11.92
CA ASP D 20 5.37 7.61 12.57
C ASP D 20 6.64 8.45 12.66
N THR D 21 6.60 9.68 12.17
CA THR D 21 7.77 10.56 12.14
C THR D 21 7.55 11.96 12.73
N ILE D 22 8.46 12.36 13.62
CA ILE D 22 8.54 13.67 14.26
C ILE D 22 9.99 14.16 14.17
N ARG D 23 10.20 15.39 13.66
CA ARG D 23 11.52 15.99 13.59
C ARG D 23 11.78 16.82 14.83
N ILE D 24 12.87 16.52 15.51
CA ILE D 24 13.26 17.26 16.70
C ILE D 24 14.38 18.23 16.36
N THR D 25 14.25 19.48 16.79
CA THR D 25 15.27 20.50 16.61
C THR D 25 15.54 21.15 17.96
N TRP D 26 16.76 21.64 18.11
CA TRP D 26 17.20 22.34 19.31
C TRP D 26 18.34 23.28 18.96
N ALA D 27 18.77 24.03 19.98
CA ALA D 27 19.89 24.96 19.95
C ALA D 27 20.85 24.52 21.08
N ASP D 28 22.14 24.74 20.88
CA ASP D 28 23.16 24.45 21.87
C ASP D 28 23.85 25.78 22.19
N ASN D 29 23.71 26.24 23.44
CA ASN D 29 24.29 27.52 23.84
C ASN D 29 25.82 27.55 23.88
N SER D 30 26.46 26.40 24.15
CA SER D 30 27.92 26.20 24.17
C SER D 30 28.55 26.23 22.76
N LEU D 31 27.78 26.71 21.76
CA LEU D 31 28.17 26.90 20.36
C LEU D 31 27.98 28.40 20.01
N PRO D 32 28.66 28.99 18.98
CA PRO D 32 28.40 30.41 18.63
C PRO D 32 27.02 30.64 17.99
N LYS D 33 26.59 31.93 17.87
CA LYS D 33 25.29 32.34 17.31
C LYS D 33 24.93 31.73 15.95
N HIS D 34 25.96 31.43 15.10
CA HIS D 34 25.79 30.80 13.77
C HIS D 34 25.30 29.34 13.84
N GLN D 35 25.42 28.74 15.05
CA GLN D 35 25.01 27.38 15.43
C GLN D 35 25.64 26.26 14.57
N LYS D 36 27.00 26.23 14.59
CA LYS D 36 27.81 25.28 13.83
C LYS D 36 28.74 24.42 14.70
N ILE D 37 28.56 23.05 14.63
CA ILE D 37 29.41 22.06 15.32
C ILE D 37 30.76 21.88 14.59
N THR D 38 31.84 22.11 15.33
CA THR D 38 33.18 22.03 14.83
C THR D 38 33.95 20.95 15.61
N ASP D 39 33.48 20.56 16.81
CA ASP D 39 34.15 19.57 17.68
C ASP D 39 33.53 18.17 17.71
N SER D 40 34.03 17.31 18.65
CA SER D 40 33.61 15.92 18.89
C SER D 40 32.31 15.76 19.68
N ARG D 41 31.61 16.85 19.99
CA ARG D 41 30.34 16.72 20.73
C ARG D 41 29.25 15.99 19.94
N TYR D 42 28.38 15.31 20.66
CA TYR D 42 27.23 14.61 20.11
C TYR D 42 26.05 14.81 21.01
N TYR D 43 24.86 14.80 20.41
CA TYR D 43 23.61 14.97 21.13
C TYR D 43 22.90 13.68 21.22
N THR D 44 22.19 13.49 22.33
CA THR D 44 21.40 12.30 22.53
C THR D 44 19.95 12.74 22.68
N VAL D 45 19.10 12.24 21.78
CA VAL D 45 17.67 12.56 21.79
C VAL D 45 17.00 11.37 22.46
N ARG D 46 16.03 11.63 23.36
CA ARG D 46 15.26 10.59 23.99
C ARG D 46 13.78 10.89 23.88
N TRP D 47 12.99 9.83 23.79
CA TRP D 47 11.56 9.93 23.65
C TRP D 47 10.89 8.72 24.22
N LYS D 48 9.67 8.95 24.69
CA LYS D 48 8.80 7.93 25.25
C LYS D 48 7.38 8.44 25.09
N THR D 49 6.43 7.52 25.00
CA THR D 49 5.05 7.91 24.94
C THR D 49 4.62 8.35 26.33
N ASN D 50 3.81 9.41 26.36
CA ASN D 50 3.26 10.01 27.58
C ASN D 50 2.55 8.93 28.47
N ILE D 51 1.76 8.04 27.84
CA ILE D 51 0.93 6.95 28.38
C ILE D 51 1.11 5.65 27.52
N PRO D 52 1.34 4.45 28.13
CA PRO D 52 1.46 4.17 29.57
C PRO D 52 2.60 4.93 30.24
N ALA D 53 2.42 5.21 31.54
CA ALA D 53 3.39 5.94 32.36
C ALA D 53 4.73 5.20 32.52
N ASN D 54 4.69 3.84 32.44
CA ASN D 54 5.80 2.90 32.58
C ASN D 54 6.73 2.73 31.36
N THR D 55 6.45 3.45 30.26
CA THR D 55 7.21 3.31 29.03
C THR D 55 8.68 3.65 29.18
N LYS D 56 9.56 2.75 28.76
CA LYS D 56 11.01 2.97 28.82
C LYS D 56 11.43 3.91 27.69
N TYR D 57 12.38 4.82 27.94
CA TYR D 57 12.82 5.76 26.92
C TYR D 57 13.59 5.04 25.81
N LYS D 58 13.38 5.51 24.58
CA LYS D 58 14.13 5.06 23.43
C LYS D 58 15.03 6.26 23.17
N ASN D 59 16.26 6.03 22.73
CA ASN D 59 17.14 7.14 22.42
C ASN D 59 18.08 6.98 21.23
N ALA D 60 18.55 8.11 20.69
CA ALA D 60 19.40 8.11 19.52
C ALA D 60 20.42 9.23 19.58
N ASN D 61 21.58 9.01 18.93
CA ASN D 61 22.63 10.01 18.86
C ASN D 61 22.55 10.80 17.58
N ALA D 62 22.92 12.09 17.65
CA ALA D 62 22.94 13.01 16.52
C ALA D 62 24.15 13.88 16.57
N THR D 63 24.71 14.24 15.40
CA THR D 63 25.89 15.13 15.36
C THR D 63 25.51 16.51 14.80
N THR D 64 24.22 16.73 14.59
CA THR D 64 23.66 17.99 14.10
C THR D 64 22.61 18.50 15.12
N LEU D 65 22.13 19.73 14.94
CA LEU D 65 21.12 20.35 15.79
C LEU D 65 19.68 19.96 15.43
N SER D 66 19.51 18.72 14.95
CA SER D 66 18.23 18.10 14.64
C SER D 66 18.33 16.56 14.57
N TYR D 67 17.20 15.88 14.81
CA TYR D 67 17.07 14.44 14.72
C TYR D 67 15.69 14.05 14.23
N LEU D 68 15.63 13.08 13.33
CA LEU D 68 14.40 12.57 12.77
C LEU D 68 13.97 11.34 13.53
N VAL D 69 12.99 11.50 14.41
CA VAL D 69 12.48 10.35 15.18
C VAL D 69 11.49 9.57 14.34
N THR D 70 11.85 8.31 13.99
CA THR D 70 11.04 7.43 13.17
C THR D 70 10.50 6.24 13.98
N GLY D 71 9.68 5.43 13.36
CA GLY D 71 9.09 4.24 13.96
C GLY D 71 8.13 4.46 15.10
N LEU D 72 7.55 5.66 15.17
CA LEU D 72 6.60 6.01 16.24
C LEU D 72 5.23 5.41 15.94
N LYS D 73 4.35 5.36 16.94
CA LYS D 73 3.00 4.80 16.76
C LYS D 73 2.07 5.90 16.24
N PRO D 74 1.11 5.60 15.36
CA PRO D 74 0.18 6.68 14.92
C PRO D 74 -0.73 7.21 16.04
N ASN D 75 -1.17 8.48 15.91
CA ASN D 75 -2.08 9.11 16.86
C ASN D 75 -1.62 8.94 18.33
N THR D 76 -0.32 9.18 18.58
CA THR D 76 0.31 9.01 19.89
C THR D 76 1.11 10.24 20.29
N LEU D 77 0.90 10.68 21.55
CA LEU D 77 1.63 11.78 22.16
C LEU D 77 2.95 11.26 22.74
N TYR D 78 4.05 11.93 22.37
CA TYR D 78 5.42 11.63 22.77
C TYR D 78 6.02 12.85 23.43
N GLU D 79 6.96 12.58 24.36
CA GLU D 79 7.77 13.58 25.08
C GLU D 79 9.18 13.43 24.51
N PHE D 80 9.85 14.54 24.25
CA PHE D 80 11.22 14.52 23.72
C PHE D 80 12.09 15.44 24.52
N SER D 81 13.36 15.03 24.74
CA SER D 81 14.37 15.82 25.43
C SER D 81 15.71 15.43 24.87
N VAL D 82 16.64 16.39 24.94
CA VAL D 82 18.00 16.27 24.37
C VAL D 82 18.99 16.60 25.45
N MET D 83 20.20 16.04 25.31
CA MET D 83 21.38 16.32 26.12
C MET D 83 22.57 16.38 25.17
N VAL D 84 23.70 16.89 25.66
CA VAL D 84 24.95 17.00 24.93
C VAL D 84 26.07 16.31 25.72
N THR D 85 26.98 15.64 24.98
CA THR D 85 28.17 14.96 25.49
C THR D 85 29.35 15.37 24.61
N LYS D 86 30.50 15.68 25.23
CA LYS D 86 31.75 16.01 24.55
C LYS D 86 32.85 15.38 25.40
N GLY D 87 33.12 14.12 25.10
CA GLY D 87 34.11 13.32 25.82
C GLY D 87 33.62 12.92 27.19
N ARG D 88 34.45 13.21 28.23
CA ARG D 88 34.16 12.90 29.64
C ARG D 88 33.00 13.76 30.18
N ARG D 89 32.82 14.97 29.62
CA ARG D 89 31.78 15.92 29.98
C ARG D 89 30.42 15.61 29.32
N SER D 90 29.34 15.97 30.01
CA SER D 90 27.97 15.81 29.55
C SER D 90 27.02 16.79 30.28
N SER D 91 25.85 17.05 29.71
CA SER D 91 24.85 17.94 30.29
C SER D 91 23.66 17.11 30.81
N THR D 92 22.68 17.78 31.45
CA THR D 92 21.44 17.12 31.85
C THR D 92 20.50 17.16 30.64
N TRP D 93 19.28 16.65 30.82
CA TRP D 93 18.29 16.65 29.75
C TRP D 93 17.66 18.03 29.66
N SER D 94 17.42 18.46 28.44
CA SER D 94 16.82 19.74 28.10
C SER D 94 15.36 19.81 28.57
N MET D 95 14.71 20.94 28.28
CA MET D 95 13.29 21.16 28.45
C MET D 95 12.61 20.08 27.60
N THR D 96 11.40 19.69 27.96
CA THR D 96 10.71 18.66 27.17
C THR D 96 9.83 19.28 26.11
N ALA D 97 9.95 18.75 24.89
CA ALA D 97 9.11 19.11 23.78
C ALA D 97 8.08 17.97 23.65
N HIS D 98 6.86 18.31 23.23
CA HIS D 98 5.81 17.33 23.07
C HIS D 98 5.33 17.35 21.64
N GLY D 99 4.95 16.18 21.17
CA GLY D 99 4.53 15.99 19.81
C GLY D 99 3.72 14.73 19.68
N ALA D 100 2.54 14.88 19.04
CA ALA D 100 1.66 13.76 18.78
C ALA D 100 1.69 13.46 17.27
N THR D 101 1.94 12.18 16.92
CA THR D 101 1.98 11.72 15.53
C THR D 101 0.59 11.82 14.94
N PHE D 102 0.54 11.95 13.61
CA PHE D 102 -0.72 12.01 12.88
C PHE D 102 -1.43 10.66 12.92
N GLU D 103 -2.68 10.69 12.50
CA GLU D 103 -3.49 9.51 12.44
C GLU D 103 -3.04 8.71 11.22
N LEU D 104 -3.51 7.45 11.14
CA LEU D 104 -3.25 6.51 10.06
C LEU D 104 -4.52 5.73 9.95
N VAL D 105 -4.77 5.15 8.76
CA VAL D 105 -5.96 4.32 8.51
C VAL D 105 -5.99 3.22 9.54
N PRO D 106 -7.19 2.73 9.93
CA PRO D 106 -7.22 1.58 10.85
C PRO D 106 -6.41 0.43 10.25
N THR D 107 -5.66 -0.29 11.09
CA THR D 107 -4.82 -1.40 10.58
C THR D 107 -5.29 -2.75 11.11
N SER D 108 -6.50 -2.74 11.70
CA SER D 108 -7.15 -3.88 12.31
C SER D 108 -8.67 -3.76 12.06
N PRO D 109 -9.39 -4.88 11.99
CA PRO D 109 -10.85 -4.79 11.73
C PRO D 109 -11.67 -4.51 12.99
N PRO D 110 -12.95 -4.09 12.85
CA PRO D 110 -13.82 -3.99 14.03
C PRO D 110 -13.89 -5.39 14.68
N LYS D 111 -13.70 -5.43 16.01
CA LYS D 111 -13.67 -6.61 16.85
C LYS D 111 -15.07 -7.09 17.23
N ASP D 112 -15.15 -8.35 17.73
CA ASP D 112 -16.32 -9.02 18.30
C ASP D 112 -17.63 -8.85 17.54
N VAL D 113 -17.57 -9.01 16.21
CA VAL D 113 -18.74 -8.92 15.33
C VAL D 113 -19.71 -10.08 15.63
N THR D 114 -21.01 -9.75 15.87
CA THR D 114 -22.08 -10.71 16.15
C THR D 114 -23.36 -10.27 15.41
N VAL D 115 -24.21 -11.27 15.05
CA VAL D 115 -25.49 -11.06 14.37
C VAL D 115 -26.60 -11.83 15.12
N VAL D 116 -27.69 -11.15 15.43
CA VAL D 116 -28.86 -11.73 16.09
C VAL D 116 -30.11 -11.33 15.31
N SER D 117 -31.18 -12.10 15.46
CA SER D 117 -32.46 -11.76 14.82
C SER D 117 -33.15 -10.81 15.77
N LYS D 118 -33.79 -9.77 15.20
CA LYS D 118 -34.56 -8.79 15.98
C LYS D 118 -35.81 -9.50 16.56
N GLU D 119 -36.12 -9.22 17.83
CA GLU D 119 -37.25 -9.83 18.55
C GLU D 119 -38.56 -9.59 17.82
N GLY D 120 -39.22 -10.69 17.45
CA GLY D 120 -40.50 -10.70 16.72
C GLY D 120 -40.45 -10.25 15.27
N LYS D 121 -39.22 -10.04 14.71
CA LYS D 121 -39.01 -9.61 13.33
C LYS D 121 -38.01 -10.54 12.64
N PRO D 122 -38.47 -11.66 12.04
CA PRO D 122 -37.52 -12.61 11.42
C PRO D 122 -36.74 -12.10 10.22
N ARG D 123 -37.35 -11.20 9.42
CA ARG D 123 -36.73 -10.61 8.22
C ARG D 123 -35.72 -9.47 8.58
N THR D 124 -35.62 -9.14 9.88
CA THR D 124 -34.74 -8.11 10.43
C THR D 124 -33.66 -8.77 11.30
N ILE D 125 -32.41 -8.27 11.15
CA ILE D 125 -31.25 -8.70 11.93
C ILE D 125 -30.57 -7.48 12.59
N ILE D 126 -29.83 -7.72 13.69
CA ILE D 126 -29.03 -6.71 14.39
C ILE D 126 -27.55 -7.10 14.39
N VAL D 127 -26.71 -6.19 13.86
CA VAL D 127 -25.25 -6.37 13.85
C VAL D 127 -24.69 -5.62 15.05
N ASN D 128 -23.74 -6.25 15.75
CA ASN D 128 -23.08 -5.70 16.94
C ASN D 128 -21.61 -5.96 16.85
N TRP D 129 -20.80 -4.96 17.17
CA TRP D 129 -19.35 -5.05 17.09
C TRP D 129 -18.66 -4.09 18.08
N GLN D 130 -17.34 -4.13 18.11
CA GLN D 130 -16.48 -3.30 18.95
C GLN D 130 -15.49 -2.52 18.09
N PRO D 131 -14.99 -1.34 18.53
CA PRO D 131 -14.02 -0.62 17.70
C PRO D 131 -12.73 -1.44 17.46
N PRO D 132 -12.03 -1.20 16.34
CA PRO D 132 -10.78 -1.97 16.11
C PRO D 132 -9.72 -1.74 17.18
N SER D 133 -8.83 -2.73 17.33
CA SER D 133 -7.69 -2.64 18.23
C SER D 133 -6.70 -1.56 17.75
N GLU D 134 -6.44 -1.53 16.43
CA GLU D 134 -5.55 -0.59 15.80
C GLU D 134 -6.34 0.42 14.97
N ALA D 135 -7.11 1.26 15.68
CA ALA D 135 -7.94 2.31 15.09
C ALA D 135 -7.06 3.41 14.47
N ASN D 136 -5.87 3.64 15.08
CA ASN D 136 -4.82 4.58 14.67
C ASN D 136 -5.29 6.03 14.53
N GLY D 137 -6.45 6.32 15.13
CA GLY D 137 -7.09 7.63 15.13
C GLY D 137 -8.53 7.54 15.59
N LYS D 138 -9.26 8.66 15.55
CA LYS D 138 -10.67 8.69 15.97
C LYS D 138 -11.57 8.10 14.90
N ILE D 139 -12.37 7.07 15.27
CA ILE D 139 -13.27 6.40 14.34
C ILE D 139 -14.41 7.32 13.92
N THR D 140 -14.53 7.54 12.60
CA THR D 140 -15.57 8.41 12.01
C THR D 140 -16.80 7.67 11.44
N GLY D 141 -16.75 6.34 11.45
CA GLY D 141 -17.86 5.56 10.90
C GLY D 141 -17.44 4.14 10.59
N TYR D 142 -18.39 3.36 10.08
CA TYR D 142 -18.21 1.97 9.70
C TYR D 142 -18.97 1.68 8.43
N ILE D 143 -18.64 0.57 7.78
CA ILE D 143 -19.38 0.10 6.61
C ILE D 143 -19.58 -1.40 6.76
N ILE D 144 -20.87 -1.80 6.79
CA ILE D 144 -21.29 -3.19 6.83
C ILE D 144 -21.52 -3.67 5.38
N TYR D 145 -21.15 -4.91 5.12
CA TYR D 145 -21.37 -5.57 3.84
C TYR D 145 -22.02 -6.93 4.12
N TYR D 146 -23.04 -7.31 3.35
CA TYR D 146 -23.67 -8.64 3.49
C TYR D 146 -23.98 -9.30 2.18
N SER D 147 -23.95 -10.62 2.15
CA SER D 147 -24.22 -11.38 0.95
C SER D 147 -24.76 -12.78 1.30
N THR D 148 -25.48 -13.39 0.34
CA THR D 148 -25.96 -14.77 0.46
C THR D 148 -24.81 -15.69 0.05
N ASP D 149 -23.84 -15.16 -0.69
CA ASP D 149 -22.64 -15.89 -1.16
C ASP D 149 -21.41 -15.26 -0.56
N VAL D 150 -20.72 -16.02 0.27
CA VAL D 150 -19.50 -15.65 0.98
C VAL D 150 -18.34 -15.39 0.03
N ASN D 151 -18.33 -16.08 -1.11
CA ASN D 151 -17.26 -15.99 -2.10
C ASN D 151 -17.46 -14.90 -3.16
N ALA D 152 -18.59 -14.14 -3.09
CA ALA D 152 -18.87 -13.07 -4.05
C ALA D 152 -17.87 -11.90 -3.95
N GLU D 153 -17.57 -11.25 -5.09
CA GLU D 153 -16.69 -10.09 -5.10
C GLU D 153 -17.36 -8.94 -4.33
N ILE D 154 -16.56 -8.10 -3.68
CA ILE D 154 -17.05 -7.02 -2.85
C ILE D 154 -18.12 -6.09 -3.44
N HIS D 155 -18.05 -5.81 -4.76
CA HIS D 155 -19.04 -4.98 -5.44
C HIS D 155 -20.41 -5.63 -5.45
N ASP D 156 -20.45 -6.99 -5.44
CA ASP D 156 -21.67 -7.79 -5.44
C ASP D 156 -22.35 -7.85 -4.06
N TRP D 157 -21.61 -7.51 -2.99
CA TRP D 157 -22.13 -7.49 -1.61
C TRP D 157 -23.02 -6.28 -1.46
N VAL D 158 -23.96 -6.35 -0.51
CA VAL D 158 -24.87 -5.24 -0.24
C VAL D 158 -24.17 -4.32 0.76
N ILE D 159 -24.09 -3.01 0.46
CA ILE D 159 -23.43 -1.99 1.31
C ILE D 159 -24.41 -1.36 2.30
N GLU D 160 -24.05 -1.32 3.59
CA GLU D 160 -24.87 -0.73 4.67
C GLU D 160 -23.98 0.17 5.52
N PRO D 161 -23.94 1.49 5.24
CA PRO D 161 -23.06 2.39 6.02
C PRO D 161 -23.61 2.77 7.39
N VAL D 162 -22.70 2.89 8.34
CA VAL D 162 -22.96 3.26 9.74
C VAL D 162 -22.15 4.59 9.98
N VAL D 163 -22.90 5.67 10.24
CA VAL D 163 -22.30 6.97 10.50
C VAL D 163 -21.99 7.21 11.98
N GLY D 164 -20.75 7.60 12.22
CA GLY D 164 -20.22 7.85 13.55
C GLY D 164 -19.77 6.59 14.23
N ASN D 165 -19.19 6.72 15.45
CA ASN D 165 -18.78 5.53 16.19
C ASN D 165 -19.99 4.86 16.91
N ARG D 166 -20.96 4.33 16.12
CA ARG D 166 -22.12 3.56 16.59
C ARG D 166 -21.63 2.12 16.57
N LEU D 167 -22.02 1.31 17.56
CA LEU D 167 -21.55 -0.08 17.62
C LEU D 167 -22.63 -1.11 17.31
N THR D 168 -23.75 -0.61 16.79
CA THR D 168 -24.90 -1.40 16.38
C THR D 168 -25.54 -0.86 15.09
N HIS D 169 -26.19 -1.75 14.32
CA HIS D 169 -26.89 -1.40 13.10
C HIS D 169 -27.89 -2.48 12.77
N GLN D 170 -29.12 -2.07 12.48
CA GLN D 170 -30.22 -2.94 12.12
C GLN D 170 -30.37 -3.03 10.60
N ILE D 171 -30.51 -4.24 10.07
CA ILE D 171 -30.73 -4.48 8.62
C ILE D 171 -32.09 -5.20 8.45
N GLN D 172 -32.99 -4.59 7.67
CA GLN D 172 -34.33 -5.10 7.41
C GLN D 172 -34.49 -5.74 6.01
N GLU D 173 -35.66 -6.40 5.78
CA GLU D 173 -36.10 -7.02 4.53
C GLU D 173 -35.24 -8.19 4.01
N LEU D 174 -34.70 -9.01 4.93
CA LEU D 174 -33.88 -10.17 4.55
C LEU D 174 -34.74 -11.42 4.28
N THR D 175 -34.34 -12.25 3.28
CA THR D 175 -35.03 -13.50 2.90
C THR D 175 -34.94 -14.49 4.06
N LEU D 176 -36.06 -15.14 4.34
CA LEU D 176 -36.17 -16.11 5.43
C LEU D 176 -35.47 -17.42 5.11
N ASP D 177 -35.05 -18.17 6.16
CA ASP D 177 -34.34 -19.46 6.07
C ASP D 177 -33.14 -19.40 5.10
N THR D 178 -32.45 -18.27 5.13
CA THR D 178 -31.33 -18.03 4.25
C THR D 178 -30.08 -17.76 5.07
N PRO D 179 -28.98 -18.49 4.80
CA PRO D 179 -27.72 -18.15 5.45
C PRO D 179 -27.14 -16.86 4.83
N TYR D 180 -26.86 -15.87 5.68
CA TYR D 180 -26.26 -14.61 5.30
C TYR D 180 -24.85 -14.48 5.86
N TYR D 181 -24.04 -13.63 5.24
CA TYR D 181 -22.66 -13.39 5.61
C TYR D 181 -22.47 -11.90 5.82
N PHE D 182 -21.83 -11.51 6.93
CA PHE D 182 -21.61 -10.10 7.26
C PHE D 182 -20.19 -9.79 7.56
N LYS D 183 -19.75 -8.64 7.13
CA LYS D 183 -18.43 -8.14 7.44
C LYS D 183 -18.44 -6.63 7.57
N ILE D 184 -17.58 -6.08 8.43
CA ILE D 184 -17.52 -4.64 8.70
C ILE D 184 -16.10 -4.13 8.58
N GLN D 185 -15.95 -2.86 8.21
CA GLN D 185 -14.69 -2.12 8.20
C GLN D 185 -14.89 -0.80 8.87
N ALA D 186 -13.85 -0.33 9.56
CA ALA D 186 -13.84 0.93 10.29
C ALA D 186 -13.36 1.99 9.39
N ARG D 187 -13.73 3.22 9.69
CA ARG D 187 -13.28 4.39 8.96
C ARG D 187 -12.74 5.41 9.93
N ASN D 188 -11.67 6.07 9.54
CA ASN D 188 -11.16 7.22 10.29
C ASN D 188 -10.90 8.38 9.33
N SER D 189 -10.41 9.52 9.85
CA SER D 189 -10.09 10.70 9.03
C SER D 189 -9.18 10.39 7.83
N LYS D 190 -8.48 9.24 7.86
CA LYS D 190 -7.54 8.86 6.81
C LYS D 190 -8.05 7.82 5.80
N GLY D 191 -9.13 7.14 6.12
CA GLY D 191 -9.67 6.16 5.19
C GLY D 191 -10.20 4.89 5.84
N MET D 192 -10.41 3.86 4.99
CA MET D 192 -10.96 2.55 5.37
C MET D 192 -9.91 1.64 5.88
N GLY D 193 -10.24 0.91 6.93
CA GLY D 193 -9.32 -0.07 7.48
C GLY D 193 -9.63 -1.44 6.93
N PRO D 194 -8.99 -2.51 7.43
CA PRO D 194 -9.36 -3.85 6.94
C PRO D 194 -10.77 -4.27 7.41
N MET D 195 -11.28 -5.33 6.79
CA MET D 195 -12.59 -5.90 7.09
C MET D 195 -12.48 -7.02 8.06
N SER D 196 -13.57 -7.24 8.79
CA SER D 196 -13.69 -8.32 9.73
C SER D 196 -13.83 -9.64 8.94
N GLU D 197 -13.62 -10.78 9.61
CA GLU D 197 -13.87 -12.06 8.97
C GLU D 197 -15.39 -12.16 8.90
N ALA D 198 -15.91 -12.66 7.76
CA ALA D 198 -17.35 -12.79 7.60
C ALA D 198 -17.96 -13.65 8.69
N VAL D 199 -19.04 -13.13 9.28
CA VAL D 199 -19.82 -13.81 10.30
C VAL D 199 -21.04 -14.35 9.58
N GLN D 200 -21.32 -15.66 9.77
CA GLN D 200 -22.48 -16.28 9.16
C GLN D 200 -23.71 -16.25 10.12
N PHE D 201 -24.87 -15.92 9.54
CA PHE D 201 -26.13 -15.93 10.26
C PHE D 201 -27.25 -16.41 9.36
N ARG D 202 -27.99 -17.42 9.81
CA ARG D 202 -29.09 -17.93 9.05
C ARG D 202 -30.41 -17.41 9.64
N THR D 203 -31.14 -16.62 8.84
CA THR D 203 -32.43 -16.04 9.22
C THR D 203 -33.43 -17.16 9.56
N PRO D 204 -34.29 -16.97 10.59
CA PRO D 204 -35.28 -18.00 10.92
C PRO D 204 -36.25 -18.32 9.77
N LYS D 205 -36.93 -19.46 9.89
CA LYS D 205 -37.92 -19.93 8.94
C LYS D 205 -39.29 -19.59 9.59
N ALA D 206 -40.23 -18.93 8.85
CA ALA D 206 -41.55 -18.58 9.43
C ALA D 206 -42.44 -19.81 9.68
C1 NAG E . 23.26 -2.64 22.82
C2 NAG E . 23.06 -1.23 22.27
C3 NAG E . 24.38 -0.50 22.52
C4 NAG E . 24.75 -0.50 24.01
C5 NAG E . 24.68 -1.91 24.61
C6 NAG E . 24.76 -1.93 26.11
C7 NAG E . 22.14 -0.38 20.12
C8 NAG E . 21.69 -0.81 18.76
N2 NAG E . 22.78 -1.32 20.85
O3 NAG E . 24.30 0.85 22.05
O4 NAG E . 26.08 0.00 24.17
O5 NAG E . 23.45 -2.54 24.24
O6 NAG E . 23.54 -1.50 26.71
O7 NAG E . 21.95 0.76 20.54
C1 NAG F . -28.39 -1.42 -19.20
C2 NAG F . -27.12 -1.39 -20.06
C3 NAG F . -27.52 -1.23 -21.53
C4 NAG F . -28.55 -2.27 -21.97
C5 NAG F . -29.68 -2.46 -20.96
C6 NAG F . -30.43 -3.76 -21.16
C7 NAG F . -25.29 -0.32 -18.81
C8 NAG F . -24.58 0.96 -18.54
N2 NAG F . -26.33 -0.24 -19.64
O3 NAG F . -26.36 -1.34 -22.36
O4 NAG F . -29.12 -1.82 -23.19
O5 NAG F . -29.16 -2.52 -19.63
O6 NAG F . -30.48 -4.55 -19.97
O7 NAG F . -24.94 -1.38 -18.30
C1 NAG G . -20.75 -3.93 -25.31
C2 NAG G . -21.45 -3.79 -23.95
C3 NAG G . -22.94 -4.02 -24.18
C4 NAG G . -23.48 -3.00 -25.19
C5 NAG G . -22.74 -3.09 -26.51
C6 NAG G . -23.02 -1.90 -27.41
C7 NAG G . -20.21 -4.44 -21.91
C8 NAG G . -19.56 -5.59 -21.19
N2 NAG G . -20.92 -4.77 -23.00
O3 NAG G . -23.66 -3.93 -22.94
O4 NAG G . -24.88 -3.20 -25.40
O5 NAG G . -21.31 -3.07 -26.30
O6 NAG G . -22.29 -0.75 -26.97
O7 NAG G . -20.09 -3.29 -21.51
C1 NAG H . 25.62 7.08 21.39
C2 NAG H . 25.33 5.59 21.18
C3 NAG H . 25.94 4.81 22.33
C4 NAG H . 27.42 5.13 22.50
C5 NAG H . 27.65 6.65 22.64
C6 NAG H . 29.11 7.04 22.57
C7 NAG H . 23.24 4.68 20.22
C8 NAG H . 21.75 4.71 20.30
N2 NAG H . 23.89 5.43 21.13
O3 NAG H . 25.79 3.41 22.06
O4 NAG H . 27.92 4.46 23.65
O5 NAG H . 27.01 7.36 21.57
O6 NAG H . 29.57 7.07 21.22
O7 NAG H . 23.84 4.01 19.38
#